data_6RS4
#
_entry.id   6RS4
#
_cell.length_a   56.485
_cell.length_b   108.962
_cell.length_c   63.235
_cell.angle_alpha   90.000
_cell.angle_beta   108.540
_cell.angle_gamma   90.000
#
_symmetry.space_group_name_H-M   'P 1 21 1'
#
loop_
_entity.id
_entity.type
_entity.pdbx_description
1 polymer 'Tabersonine synthase'
2 non-polymer 1,2-ETHANEDIOL
3 water water
#
_entity_poly.entity_id   1
_entity_poly.type   'polypeptide(L)'
_entity_poly.pdbx_seq_one_letter_code
;GPGSSDETIFDLPPYIKVFKDGRVERLHSSPYVPPSLNDPETGGVSWKDVPISSVVSARIYLPKINNHDEKLPIIVYFHG
AGFCLESAFKSFFHTYVKHFVAEAKAIAVSVEFRLAPENHLPAAYEDCWEALQWVASHVGLDISSLKTCIDKDPWIINYA
DFDRLYLWGDSTGANIVHNTLIRSGKEKLNGGKVKILGAILYYPYFLIRTSSKQSDYMENEYRSYWKLAYPDAPGGNDNP
MINPTAENAPDLAGYGCSRLLISMVADEARDITLLYIDALEKSGWKGELDVADFDKQYFELFEMETEVAKNMLRRLASFI
K
;
_entity_poly.pdbx_strand_id   A,B
#
loop_
_chem_comp.id
_chem_comp.type
_chem_comp.name
_chem_comp.formula
EDO non-polymer 1,2-ETHANEDIOL 'C2 H6 O2'
#
# COMPACT_ATOMS: atom_id res chain seq x y z
N GLU A 7 -20.70 -19.09 19.12
CA GLU A 7 -21.20 -17.96 19.95
C GLU A 7 -20.10 -16.92 20.13
N THR A 8 -20.46 -15.73 20.61
CA THR A 8 -19.61 -14.52 20.59
C THR A 8 -19.26 -14.06 22.00
N ILE A 9 -18.01 -13.61 22.20
CA ILE A 9 -17.55 -12.94 23.45
C ILE A 9 -17.86 -11.44 23.33
N PHE A 10 -17.81 -10.89 22.11
CA PHE A 10 -18.21 -9.51 21.78
C PHE A 10 -19.09 -9.52 20.54
N ASP A 11 -20.18 -8.77 20.61
CA ASP A 11 -21.03 -8.42 19.45
C ASP A 11 -21.29 -6.92 19.59
N LEU A 12 -20.58 -6.13 18.78
CA LEU A 12 -20.67 -4.65 18.74
C LEU A 12 -21.24 -4.27 17.39
N PRO A 13 -22.58 -4.35 17.22
CA PRO A 13 -23.20 -4.13 15.92
C PRO A 13 -23.06 -2.66 15.56
N PRO A 14 -22.99 -2.33 14.26
CA PRO A 14 -22.97 -3.33 13.18
C PRO A 14 -21.57 -3.73 12.69
N TYR A 15 -20.55 -3.58 13.53
CA TYR A 15 -19.13 -3.44 13.12
C TYR A 15 -18.36 -4.76 13.28
N ILE A 16 -18.46 -5.37 14.45
CA ILE A 16 -17.51 -6.46 14.77
C ILE A 16 -18.15 -7.44 15.76
N LYS A 17 -17.93 -8.71 15.47
CA LYS A 17 -18.27 -9.87 16.33
C LYS A 17 -16.99 -10.65 16.55
N VAL A 18 -16.71 -11.00 17.81
CA VAL A 18 -15.56 -11.87 18.15
C VAL A 18 -16.14 -13.14 18.75
N PHE A 19 -15.77 -14.29 18.16
CA PHE A 19 -16.32 -15.62 18.53
C PHE A 19 -15.47 -16.19 19.66
N LYS A 20 -16.07 -17.09 20.46
CA LYS A 20 -15.39 -17.83 21.57
C LYS A 20 -14.16 -18.55 21.02
N ASP A 21 -14.24 -19.08 19.78
CA ASP A 21 -13.16 -19.88 19.14
C ASP A 21 -12.04 -18.97 18.63
N GLY A 22 -12.20 -17.64 18.75
CA GLY A 22 -11.15 -16.63 18.47
C GLY A 22 -11.29 -15.99 17.10
N ARG A 23 -12.30 -16.40 16.34
CA ARG A 23 -12.59 -15.89 14.97
C ARG A 23 -13.14 -14.46 15.09
N VAL A 24 -12.69 -13.58 14.20
CA VAL A 24 -13.15 -12.16 14.15
C VAL A 24 -13.91 -11.94 12.83
N GLU A 25 -15.15 -11.47 12.90
CA GLU A 25 -15.96 -11.04 11.74
C GLU A 25 -16.10 -9.52 11.80
N ARG A 26 -15.60 -8.84 10.76
CA ARG A 26 -15.74 -7.37 10.58
C ARG A 26 -16.78 -7.08 9.50
N LEU A 27 -17.62 -6.06 9.72
CA LEU A 27 -18.41 -5.39 8.67
C LEU A 27 -17.45 -5.01 7.54
N HIS A 28 -17.89 -5.22 6.29
CA HIS A 28 -17.18 -4.85 5.04
C HIS A 28 -16.56 -3.46 5.21
N SER A 29 -15.26 -3.38 5.04
CA SER A 29 -14.51 -2.13 5.27
C SER A 29 -14.61 -1.28 4.00
N SER A 30 -14.21 -0.03 4.11
CA SER A 30 -14.02 0.85 2.95
C SER A 30 -12.93 0.23 2.07
N PRO A 31 -12.91 0.53 0.76
CA PRO A 31 -11.97 -0.12 -0.15
C PRO A 31 -10.57 0.47 -0.10
N TYR A 32 -9.60 -0.39 -0.33
CA TYR A 32 -8.19 0.01 -0.50
C TYR A 32 -8.08 1.02 -1.63
N VAL A 33 -7.24 2.02 -1.45
CA VAL A 33 -6.89 3.02 -2.48
C VAL A 33 -5.39 3.00 -2.67
N PRO A 34 -4.90 2.67 -3.89
CA PRO A 34 -3.45 2.55 -4.07
C PRO A 34 -2.73 3.89 -4.05
N PRO A 35 -1.39 3.86 -4.00
CA PRO A 35 -0.58 5.06 -4.13
C PRO A 35 -0.92 5.81 -5.42
N SER A 36 -0.75 7.13 -5.40
CA SER A 36 -1.02 8.00 -6.56
C SER A 36 -0.10 9.22 -6.52
N LEU A 37 0.32 9.70 -7.69
CA LEU A 37 1.13 10.91 -7.85
C LEU A 37 0.20 11.96 -8.47
N ASN A 38 0.17 13.19 -7.94
N ASN A 38 0.14 13.16 -7.90
CA ASN A 38 -0.55 14.32 -8.59
CA ASN A 38 -0.53 14.32 -8.54
C ASN A 38 -2.04 13.97 -8.71
C ASN A 38 -2.03 14.03 -8.69
N ASP A 39 -2.70 13.72 -7.59
CA ASP A 39 -4.14 13.37 -7.56
C ASP A 39 -5.00 14.49 -8.14
N PRO A 40 -5.75 14.28 -9.23
CA PRO A 40 -6.56 15.37 -9.77
C PRO A 40 -7.61 15.95 -8.81
N GLU A 41 -8.24 15.09 -8.00
CA GLU A 41 -9.42 15.51 -7.18
C GLU A 41 -9.00 16.57 -6.16
N THR A 42 -7.78 16.47 -5.62
CA THR A 42 -7.24 17.39 -4.59
C THR A 42 -6.29 18.43 -5.18
N GLY A 43 -6.16 18.48 -6.51
CA GLY A 43 -5.26 19.42 -7.20
C GLY A 43 -3.80 19.11 -6.91
N GLY A 44 -3.47 17.83 -6.75
CA GLY A 44 -2.05 17.46 -6.87
C GLY A 44 -1.47 16.74 -5.66
N VAL A 45 -2.27 16.36 -4.65
CA VAL A 45 -1.70 15.59 -3.51
C VAL A 45 -1.14 14.27 -4.03
N SER A 46 -0.04 13.80 -3.45
CA SER A 46 0.59 12.50 -3.79
C SER A 46 0.73 11.68 -2.51
N TRP A 47 0.75 10.37 -2.62
CA TRP A 47 0.96 9.53 -1.42
C TRP A 47 1.63 8.23 -1.77
N LYS A 48 2.32 7.66 -0.81
CA LYS A 48 3.06 6.41 -0.92
C LYS A 48 3.02 5.68 0.42
N ASP A 49 3.23 4.40 0.42
CA ASP A 49 3.14 3.56 1.64
C ASP A 49 4.51 3.01 1.95
N VAL A 50 5.01 3.32 3.13
CA VAL A 50 6.41 3.01 3.44
C VAL A 50 6.51 2.18 4.70
N PRO A 51 7.52 1.31 4.78
CA PRO A 51 7.72 0.49 5.96
C PRO A 51 8.53 1.31 6.99
N ILE A 52 8.12 1.13 8.24
CA ILE A 52 8.81 1.74 9.41
C ILE A 52 9.54 0.67 10.21
N SER A 53 8.93 -0.49 10.31
CA SER A 53 9.55 -1.64 10.98
C SER A 53 8.99 -2.90 10.35
N SER A 54 9.22 -4.05 10.92
CA SER A 54 8.62 -5.30 10.41
C SER A 54 7.10 -5.27 10.60
N VAL A 55 6.59 -4.46 11.54
CA VAL A 55 5.15 -4.54 11.93
C VAL A 55 4.44 -3.19 11.84
N VAL A 56 5.15 -2.11 11.51
CA VAL A 56 4.54 -0.77 11.39
C VAL A 56 4.83 -0.25 9.98
N SER A 57 3.86 0.46 9.44
CA SER A 57 4.00 1.16 8.15
C SER A 57 3.18 2.43 8.20
N ALA A 58 3.26 3.25 7.19
CA ALA A 58 2.50 4.51 7.13
C ALA A 58 2.28 4.92 5.68
N ARG A 59 1.21 5.66 5.47
CA ARG A 59 0.98 6.39 4.20
C ARG A 59 1.51 7.81 4.35
N ILE A 60 2.46 8.21 3.52
CA ILE A 60 3.07 9.53 3.53
C ILE A 60 2.37 10.35 2.44
N TYR A 61 1.99 11.55 2.75
CA TYR A 61 1.30 12.45 1.82
C TYR A 61 2.09 13.71 1.62
N LEU A 62 2.10 14.20 0.37
N LEU A 62 2.12 14.19 0.37
CA LEU A 62 2.70 15.49 0.04
CA LEU A 62 2.72 15.49 0.03
C LEU A 62 1.66 16.30 -0.69
C LEU A 62 1.65 16.30 -0.68
N PRO A 63 1.46 17.58 -0.33
CA PRO A 63 0.60 18.45 -1.13
C PRO A 63 1.34 18.78 -2.42
N LYS A 64 0.66 19.45 -3.33
CA LYS A 64 1.31 19.93 -4.56
C LYS A 64 2.48 20.84 -4.15
N ILE A 65 3.68 20.55 -4.65
CA ILE A 65 4.92 21.29 -4.32
C ILE A 65 5.12 22.36 -5.39
N ASN A 66 5.11 23.63 -4.99
CA ASN A 66 5.25 24.76 -5.95
C ASN A 66 6.64 25.38 -5.84
N ASN A 67 7.44 24.98 -4.85
CA ASN A 67 8.82 25.47 -4.61
C ASN A 67 9.61 24.35 -3.92
N HIS A 68 10.71 23.91 -4.50
N HIS A 68 10.73 23.94 -4.50
CA HIS A 68 11.49 22.73 -4.04
CA HIS A 68 11.50 22.74 -4.06
C HIS A 68 12.21 23.04 -2.71
C HIS A 68 12.25 23.04 -2.75
N ASP A 69 12.40 24.32 -2.39
CA ASP A 69 13.07 24.78 -1.13
C ASP A 69 12.05 25.18 -0.06
N GLU A 70 10.77 24.88 -0.22
CA GLU A 70 9.72 25.21 0.79
C GLU A 70 9.74 24.16 1.91
N LYS A 71 9.53 24.55 3.16
CA LYS A 71 9.35 23.62 4.29
C LYS A 71 7.91 23.69 4.81
N LEU A 72 7.34 22.55 5.15
CA LEU A 72 5.91 22.39 5.43
C LEU A 72 5.69 21.90 6.84
N PRO A 73 4.54 22.23 7.47
CA PRO A 73 4.19 21.59 8.73
C PRO A 73 4.00 20.09 8.48
N ILE A 74 4.28 19.29 9.50
CA ILE A 74 4.13 17.83 9.34
CA ILE A 74 4.24 17.80 9.49
C ILE A 74 3.08 17.35 10.36
N ILE A 75 2.14 16.58 9.89
CA ILE A 75 1.02 16.00 10.65
C ILE A 75 1.21 14.50 10.76
N VAL A 76 1.32 14.00 11.97
CA VAL A 76 1.33 12.54 12.20
C VAL A 76 -0.08 12.19 12.64
N TYR A 77 -0.77 11.35 11.90
CA TYR A 77 -2.20 11.07 12.02
C TYR A 77 -2.42 9.63 12.42
N PHE A 78 -3.28 9.45 13.44
CA PHE A 78 -3.67 8.12 13.93
C PHE A 78 -5.17 7.95 13.72
N HIS A 79 -5.55 7.07 12.80
CA HIS A 79 -6.99 6.90 12.50
C HIS A 79 -7.77 6.32 13.68
N GLY A 80 -9.08 6.52 13.64
CA GLY A 80 -9.98 5.97 14.64
C GLY A 80 -10.63 4.68 14.20
N ALA A 81 -11.89 4.49 14.57
CA ALA A 81 -12.72 3.31 14.29
C ALA A 81 -12.44 2.19 15.30
N GLY A 82 -12.43 2.48 16.59
CA GLY A 82 -12.69 1.45 17.62
C GLY A 82 -11.48 0.66 18.08
N PHE A 83 -10.27 1.03 17.65
CA PHE A 83 -9.01 0.28 17.75
C PHE A 83 -9.06 -1.02 16.94
N CYS A 84 -10.14 -1.32 16.24
CA CYS A 84 -10.34 -2.69 15.69
C CYS A 84 -10.74 -2.69 14.22
N LEU A 85 -10.94 -1.52 13.59
CA LEU A 85 -11.40 -1.45 12.19
C LEU A 85 -10.53 -0.51 11.37
N GLU A 86 -10.65 -0.69 10.06
CA GLU A 86 -10.19 0.24 9.02
C GLU A 86 -8.66 0.31 8.97
N SER A 87 -8.16 1.23 8.15
CA SER A 87 -6.76 1.22 7.67
C SER A 87 -6.40 2.61 7.20
N ALA A 88 -5.14 2.98 7.35
CA ALA A 88 -4.59 4.19 6.73
C ALA A 88 -4.69 4.12 5.20
N PHE A 89 -4.77 2.91 4.66
CA PHE A 89 -4.69 2.71 3.18
C PHE A 89 -6.08 2.58 2.59
N LYS A 90 -7.13 2.55 3.37
CA LYS A 90 -8.51 2.42 2.87
C LYS A 90 -9.20 3.78 2.78
N SER A 91 -10.22 3.84 1.95
CA SER A 91 -10.83 5.10 1.48
CA SER A 91 -10.74 5.15 1.49
C SER A 91 -11.40 5.96 2.61
N PHE A 92 -11.98 5.35 3.62
CA PHE A 92 -12.69 6.14 4.65
C PHE A 92 -11.76 7.19 5.24
N PHE A 93 -10.64 6.74 5.81
CA PHE A 93 -9.67 7.66 6.43
C PHE A 93 -8.76 8.29 5.37
N HIS A 94 -8.36 7.54 4.35
CA HIS A 94 -7.43 8.10 3.34
C HIS A 94 -8.03 9.32 2.63
N THR A 95 -9.31 9.26 2.29
CA THR A 95 -9.94 10.36 1.54
C THR A 95 -9.96 11.62 2.43
N TYR A 96 -10.21 11.43 3.72
CA TYR A 96 -10.19 12.50 4.72
C TYR A 96 -8.80 13.11 4.81
N VAL A 97 -7.80 12.26 4.99
CA VAL A 97 -6.41 12.74 5.14
C VAL A 97 -5.98 13.53 3.91
N LYS A 98 -6.19 13.01 2.69
CA LYS A 98 -5.67 13.79 1.54
C LYS A 98 -6.35 15.15 1.47
N HIS A 99 -7.59 15.27 1.92
CA HIS A 99 -8.26 16.59 1.96
CA HIS A 99 -8.28 16.58 1.98
C HIS A 99 -7.62 17.52 3.00
N PHE A 100 -7.26 17.03 4.18
CA PHE A 100 -6.62 17.96 5.15
C PHE A 100 -5.19 18.28 4.73
N VAL A 101 -4.53 17.37 4.01
CA VAL A 101 -3.18 17.68 3.46
C VAL A 101 -3.30 18.84 2.49
N ALA A 102 -4.27 18.78 1.60
CA ALA A 102 -4.49 19.85 0.60
C ALA A 102 -4.84 21.17 1.31
N GLU A 103 -5.67 21.11 2.34
CA GLU A 103 -6.19 22.32 3.01
CA GLU A 103 -6.20 22.33 3.02
C GLU A 103 -5.08 22.98 3.83
N ALA A 104 -4.33 22.18 4.58
CA ALA A 104 -3.28 22.66 5.50
C ALA A 104 -1.95 22.86 4.78
N LYS A 105 -1.82 22.35 3.55
CA LYS A 105 -0.53 22.38 2.81
C LYS A 105 0.56 21.82 3.73
N ALA A 106 0.33 20.60 4.17
CA ALA A 106 1.18 19.91 5.14
C ALA A 106 1.61 18.56 4.62
N ILE A 107 2.79 18.11 5.04
CA ILE A 107 3.14 16.69 4.85
CA ILE A 107 3.17 16.68 4.93
C ILE A 107 2.34 15.91 5.92
N ALA A 108 1.80 14.76 5.60
CA ALA A 108 1.13 13.90 6.57
C ALA A 108 1.72 12.52 6.60
N VAL A 109 1.76 11.92 7.77
CA VAL A 109 2.18 10.53 8.00
C VAL A 109 1.02 9.84 8.65
N SER A 110 0.25 9.02 7.99
CA SER A 110 -0.95 8.34 8.48
C SER A 110 -0.54 6.94 8.85
N VAL A 111 -0.52 6.62 10.15
CA VAL A 111 0.13 5.39 10.64
C VAL A 111 -0.79 4.20 10.47
N GLU A 112 -0.21 3.11 9.95
CA GLU A 112 -0.86 1.80 9.93
C GLU A 112 -0.36 0.99 11.12
N PHE A 113 -1.10 1.10 12.22
CA PHE A 113 -0.83 0.39 13.49
C PHE A 113 -1.61 -0.92 13.48
N ARG A 114 -1.15 -1.85 14.31
CA ARG A 114 -1.79 -3.16 14.47
C ARG A 114 -3.14 -2.99 15.17
N LEU A 115 -4.16 -3.67 14.63
CA LEU A 115 -5.55 -3.64 15.14
C LEU A 115 -5.80 -4.72 16.21
N ALA A 116 -6.67 -4.37 17.13
CA ALA A 116 -7.30 -5.30 18.07
C ALA A 116 -8.44 -6.00 17.35
N PRO A 117 -8.89 -7.18 17.81
CA PRO A 117 -8.31 -7.88 18.96
C PRO A 117 -7.13 -8.82 18.63
N GLU A 118 -6.77 -8.95 17.34
CA GLU A 118 -5.64 -9.82 16.95
C GLU A 118 -4.34 -9.36 17.62
N ASN A 119 -4.18 -8.04 17.77
CA ASN A 119 -3.05 -7.42 18.51
C ASN A 119 -3.71 -6.47 19.50
N HIS A 120 -3.88 -6.92 20.72
CA HIS A 120 -4.54 -6.10 21.78
C HIS A 120 -3.67 -4.87 22.08
N LEU A 121 -4.28 -3.82 22.58
CA LEU A 121 -3.51 -2.73 23.20
C LEU A 121 -2.64 -3.39 24.27
N PRO A 122 -1.42 -2.87 24.53
CA PRO A 122 -0.93 -1.59 24.01
C PRO A 122 -0.27 -1.59 22.62
N ALA A 123 -0.45 -2.63 21.80
CA ALA A 123 0.24 -2.70 20.49
C ALA A 123 0.03 -1.41 19.67
N ALA A 124 -1.21 -0.94 19.53
CA ALA A 124 -1.45 0.24 18.68
C ALA A 124 -0.70 1.45 19.25
N TYR A 125 -0.70 1.60 20.57
CA TYR A 125 0.01 2.75 21.18
C TYR A 125 1.51 2.68 20.84
N GLU A 126 2.09 1.50 20.95
N GLU A 126 2.08 1.48 20.97
CA GLU A 126 3.55 1.37 20.69
CA GLU A 126 3.52 1.26 20.70
C GLU A 126 3.81 1.58 19.20
C GLU A 126 3.81 1.53 19.22
N ASP A 127 2.94 1.07 18.33
CA ASP A 127 3.15 1.21 16.87
C ASP A 127 3.12 2.68 16.48
N CYS A 128 2.16 3.44 17.06
CA CYS A 128 2.06 4.88 16.79
C CYS A 128 3.27 5.61 17.33
N TRP A 129 3.73 5.23 18.54
CA TRP A 129 4.95 5.84 19.09
C TRP A 129 6.16 5.57 18.20
N GLU A 130 6.31 4.33 17.73
CA GLU A 130 7.45 3.96 16.87
C GLU A 130 7.38 4.76 15.56
N ALA A 131 6.19 4.96 15.02
CA ALA A 131 6.07 5.74 13.76
C ALA A 131 6.46 7.19 14.01
N LEU A 132 6.04 7.74 15.17
CA LEU A 132 6.39 9.13 15.51
C LEU A 132 7.90 9.28 15.71
N GLN A 133 8.51 8.33 16.42
CA GLN A 133 9.99 8.31 16.57
C GLN A 133 10.67 8.23 15.19
N TRP A 134 10.15 7.38 14.31
CA TRP A 134 10.70 7.29 12.95
C TRP A 134 10.61 8.64 12.23
N VAL A 135 9.47 9.31 12.34
CA VAL A 135 9.36 10.65 11.74
C VAL A 135 10.45 11.55 12.32
N ALA A 136 10.52 11.58 13.67
CA ALA A 136 11.46 12.48 14.37
C ALA A 136 12.91 12.18 14.07
N SER A 137 13.22 10.94 13.68
CA SER A 137 14.59 10.48 13.36
C SER A 137 15.12 11.16 12.10
N HIS A 138 14.28 11.88 11.36
CA HIS A 138 14.71 12.57 10.12
C HIS A 138 15.30 13.95 10.39
N VAL A 139 15.17 14.47 11.60
CA VAL A 139 15.57 15.88 11.85
C VAL A 139 17.05 16.03 11.55
N GLY A 140 17.39 17.07 10.79
CA GLY A 140 18.78 17.42 10.47
C GLY A 140 19.41 16.51 9.42
N LEU A 141 18.74 15.46 8.93
CA LEU A 141 19.35 14.59 7.87
C LEU A 141 19.44 15.38 6.57
N ASP A 142 20.38 15.03 5.72
CA ASP A 142 20.27 15.56 4.34
C ASP A 142 20.07 14.37 3.42
N ILE A 143 19.82 14.68 2.16
CA ILE A 143 19.43 13.66 1.17
C ILE A 143 20.57 12.62 1.06
N SER A 144 21.83 12.99 1.29
CA SER A 144 22.99 12.04 1.19
C SER A 144 22.81 10.88 2.17
N SER A 145 22.09 11.08 3.28
CA SER A 145 21.79 10.01 4.27
CA SER A 145 21.78 10.01 4.27
C SER A 145 21.12 8.81 3.59
N LEU A 146 20.40 9.04 2.50
CA LEU A 146 19.66 7.95 1.82
C LEU A 146 20.60 6.96 1.12
N LYS A 147 21.90 7.29 0.99
CA LYS A 147 22.87 6.33 0.42
C LYS A 147 22.99 5.12 1.34
N THR A 148 22.83 5.30 2.67
CA THR A 148 23.09 4.23 3.67
C THR A 148 21.90 3.91 4.57
N CYS A 149 20.86 4.74 4.62
CA CYS A 149 19.69 4.52 5.51
C CYS A 149 18.46 4.09 4.68
N ILE A 150 18.17 2.79 4.54
CA ILE A 150 17.13 2.29 3.59
C ILE A 150 15.73 2.71 4.05
N ASP A 151 15.53 3.03 5.33
CA ASP A 151 14.18 3.28 5.90
CA ASP A 151 14.13 3.27 5.79
C ASP A 151 13.80 4.77 5.85
N LYS A 152 14.74 5.65 5.54
CA LYS A 152 14.46 7.11 5.69
C LYS A 152 13.76 7.65 4.44
N ASP A 153 12.98 8.70 4.60
CA ASP A 153 12.01 9.13 3.58
C ASP A 153 12.49 10.43 2.92
N PRO A 154 12.75 10.44 1.59
CA PRO A 154 13.18 11.67 0.95
C PRO A 154 12.18 12.83 1.07
N TRP A 155 10.89 12.53 1.09
CA TRP A 155 9.86 13.61 1.18
C TRP A 155 9.98 14.31 2.55
N ILE A 156 10.20 13.55 3.61
CA ILE A 156 10.34 14.14 4.97
C ILE A 156 11.64 14.94 4.99
N ILE A 157 12.74 14.36 4.51
CA ILE A 157 14.03 15.10 4.51
C ILE A 157 13.87 16.43 3.75
N ASN A 158 13.28 16.37 2.57
CA ASN A 158 13.18 17.57 1.71
C ASN A 158 12.25 18.62 2.30
N TYR A 159 11.10 18.23 2.83
CA TYR A 159 9.97 19.19 3.01
C TYR A 159 9.53 19.36 4.46
N ALA A 160 9.90 18.49 5.42
CA ALA A 160 9.31 18.59 6.77
C ALA A 160 9.97 19.72 7.58
N ASP A 161 9.13 20.55 8.20
CA ASP A 161 9.57 21.56 9.19
C ASP A 161 9.35 20.99 10.59
N PHE A 162 10.42 20.53 11.23
CA PHE A 162 10.30 19.93 12.58
C PHE A 162 9.98 20.96 13.65
N ASP A 163 9.98 22.26 13.36
CA ASP A 163 9.46 23.27 14.29
C ASP A 163 7.93 23.33 14.24
N ARG A 164 7.29 22.61 13.31
CA ARG A 164 5.82 22.62 13.14
C ARG A 164 5.30 21.18 13.01
N LEU A 165 5.60 20.36 14.03
CA LEU A 165 5.16 18.97 14.09
C LEU A 165 3.83 18.89 14.83
N TYR A 166 2.83 18.29 14.26
CA TYR A 166 1.50 18.14 14.86
C TYR A 166 1.13 16.68 14.93
N LEU A 167 0.31 16.32 15.91
CA LEU A 167 -0.43 15.07 15.93
C LEU A 167 -1.88 15.35 15.61
N TRP A 168 -2.56 14.36 15.06
CA TRP A 168 -3.99 14.46 14.75
C TRP A 168 -4.60 13.09 14.93
N GLY A 169 -5.72 12.99 15.62
CA GLY A 169 -6.45 11.74 15.77
C GLY A 169 -7.93 11.96 15.84
N ASP A 170 -8.70 10.95 15.49
CA ASP A 170 -10.17 10.95 15.70
C ASP A 170 -10.58 9.71 16.51
N SER A 171 -11.58 9.83 17.41
CA SER A 171 -12.11 8.76 18.32
C SER A 171 -10.98 7.97 19.00
N THR A 172 -10.80 6.70 18.67
CA THR A 172 -9.73 5.88 19.29
C THR A 172 -8.36 6.39 18.87
N GLY A 173 -8.25 6.94 17.66
CA GLY A 173 -6.99 7.57 17.26
C GLY A 173 -6.65 8.78 18.12
N ALA A 174 -7.65 9.54 18.50
CA ALA A 174 -7.46 10.68 19.45
C ALA A 174 -7.09 10.15 20.86
N ASN A 175 -7.60 8.99 21.22
CA ASN A 175 -7.13 8.33 22.47
C ASN A 175 -5.63 8.03 22.33
N ILE A 176 -5.21 7.52 21.15
CA ILE A 176 -3.77 7.28 20.94
C ILE A 176 -3.02 8.61 21.05
N VAL A 177 -3.54 9.69 20.47
CA VAL A 177 -2.88 11.01 20.59
C VAL A 177 -2.68 11.37 22.09
N HIS A 178 -3.75 11.27 22.85
CA HIS A 178 -3.63 11.58 24.31
C HIS A 178 -2.47 10.80 24.94
N ASN A 179 -2.45 9.50 24.72
CA ASN A 179 -1.44 8.65 25.39
C ASN A 179 -0.05 8.98 24.87
N THR A 180 0.03 9.33 23.58
CA THR A 180 1.29 9.72 22.94
C THR A 180 1.81 11.04 23.56
N LEU A 181 0.90 12.00 23.76
CA LEU A 181 1.29 13.30 24.35
C LEU A 181 1.80 13.10 25.80
N ILE A 182 1.17 12.22 26.58
CA ILE A 182 1.66 11.93 27.96
C ILE A 182 3.06 11.32 27.83
N ARG A 183 3.19 10.35 26.91
CA ARG A 183 4.48 9.65 26.74
C ARG A 183 5.58 10.65 26.35
N SER A 184 5.30 11.58 25.45
CA SER A 184 6.30 12.55 24.95
C SER A 184 6.78 13.51 26.03
N GLY A 185 6.09 13.61 27.17
CA GLY A 185 6.57 14.40 28.31
C GLY A 185 7.59 13.65 29.11
N LYS A 186 7.61 12.33 29.02
CA LYS A 186 8.48 11.45 29.85
C LYS A 186 9.61 10.87 29.01
N GLU A 187 9.30 10.43 27.80
CA GLU A 187 10.25 9.91 26.81
C GLU A 187 10.30 10.94 25.70
N LYS A 188 11.28 11.81 25.73
CA LYS A 188 11.33 12.91 24.75
C LYS A 188 11.60 12.34 23.34
N LEU A 189 10.96 12.90 22.32
CA LEU A 189 11.12 12.38 20.94
C LEU A 189 12.56 12.58 20.49
N ASN A 190 13.14 11.54 19.91
CA ASN A 190 14.54 11.58 19.43
C ASN A 190 15.43 12.19 20.52
N GLY A 191 15.25 11.71 21.76
CA GLY A 191 16.04 12.12 22.92
C GLY A 191 15.92 13.58 23.30
N GLY A 192 14.93 14.28 22.75
CA GLY A 192 14.73 15.72 22.97
C GLY A 192 15.11 16.56 21.77
N LYS A 193 15.53 15.96 20.66
CA LYS A 193 15.93 16.73 19.46
C LYS A 193 14.71 17.24 18.71
N VAL A 194 13.52 16.68 18.98
CA VAL A 194 12.26 17.07 18.33
C VAL A 194 11.21 17.27 19.41
N LYS A 195 10.38 18.28 19.26
CA LYS A 195 9.22 18.45 20.14
C LYS A 195 7.97 18.60 19.29
N ILE A 196 6.86 18.12 19.81
CA ILE A 196 5.52 18.29 19.21
C ILE A 196 5.09 19.73 19.46
N LEU A 197 4.69 20.46 18.42
CA LEU A 197 4.10 21.79 18.59
C LEU A 197 2.66 21.65 19.04
N GLY A 198 1.81 20.93 18.34
CA GLY A 198 0.37 20.91 18.58
C GLY A 198 -0.27 19.57 18.36
N ALA A 199 -1.52 19.42 18.75
CA ALA A 199 -2.27 18.19 18.56
C ALA A 199 -3.74 18.49 18.43
N ILE A 200 -4.39 17.78 17.51
CA ILE A 200 -5.86 17.79 17.32
C ILE A 200 -6.43 16.47 17.81
N LEU A 201 -7.42 16.57 18.71
CA LEU A 201 -8.18 15.38 19.19
C LEU A 201 -9.65 15.59 18.86
N TYR A 202 -10.12 14.95 17.80
CA TYR A 202 -11.54 15.01 17.41
C TYR A 202 -12.31 13.82 17.95
N TYR A 203 -13.34 14.12 18.73
CA TYR A 203 -14.29 13.12 19.26
C TYR A 203 -13.52 12.08 20.06
N PRO A 204 -12.64 12.50 20.99
CA PRO A 204 -11.74 11.53 21.60
C PRO A 204 -12.48 10.42 22.35
N TYR A 205 -11.99 9.20 22.24
CA TYR A 205 -12.54 8.05 22.96
C TYR A 205 -11.96 8.00 24.38
N PHE A 206 -12.74 8.46 25.35
CA PHE A 206 -12.43 8.40 26.78
C PHE A 206 -13.63 7.81 27.51
N LEU A 207 -13.34 7.18 28.65
CA LEU A 207 -14.41 6.73 29.56
C LEU A 207 -14.19 7.46 30.88
N ILE A 208 -15.05 8.44 31.17
CA ILE A 208 -15.03 9.23 32.42
C ILE A 208 -16.46 9.20 32.91
N ARG A 209 -16.62 9.00 34.22
CA ARG A 209 -17.95 8.83 34.84
C ARG A 209 -18.69 10.17 34.91
N THR A 210 -19.78 10.29 34.15
CA THR A 210 -20.74 11.42 34.24
C THR A 210 -21.57 11.28 35.52
N SER A 211 -22.11 12.38 36.01
CA SER A 211 -22.89 12.39 37.27
C SER A 211 -24.22 11.62 37.12
N SER A 212 -24.76 11.56 35.91
CA SER A 212 -25.98 10.75 35.60
C SER A 212 -25.64 9.73 34.54
N LYS A 213 -26.24 8.54 34.65
CA LYS A 213 -26.11 7.52 33.59
C LYS A 213 -26.65 8.11 32.30
N GLN A 214 -26.01 7.77 31.19
CA GLN A 214 -26.38 8.26 29.84
C GLN A 214 -27.20 7.19 29.14
N SER A 215 -27.23 7.24 27.81
CA SER A 215 -28.02 6.29 26.97
C SER A 215 -27.53 4.85 27.17
N ASP A 216 -28.37 3.91 26.79
CA ASP A 216 -27.99 2.47 26.75
C ASP A 216 -26.69 2.32 25.95
N TYR A 217 -26.60 2.98 24.80
CA TYR A 217 -25.41 2.90 23.93
C TYR A 217 -24.17 3.36 24.70
N MET A 218 -24.25 4.55 25.31
CA MET A 218 -23.07 5.15 25.98
CA MET A 218 -23.10 5.17 26.01
C MET A 218 -22.63 4.27 27.17
N GLU A 219 -23.57 3.61 27.85
CA GLU A 219 -23.23 2.86 29.09
C GLU A 219 -22.82 1.43 28.77
N ASN A 220 -23.07 0.97 27.53
CA ASN A 220 -22.87 -0.45 27.16
C ASN A 220 -21.96 -0.52 25.93
N GLU A 221 -22.52 -0.48 24.72
CA GLU A 221 -21.72 -0.75 23.49
C GLU A 221 -20.54 0.22 23.41
N TYR A 222 -20.72 1.51 23.72
CA TYR A 222 -19.63 2.49 23.63
C TYR A 222 -18.45 2.05 24.51
N ARG A 223 -18.76 1.52 25.70
CA ARG A 223 -17.71 1.07 26.64
C ARG A 223 -17.05 -0.22 26.16
N SER A 224 -17.76 -1.04 25.40
CA SER A 224 -17.27 -2.39 25.02
C SER A 224 -16.01 -2.30 24.15
N TYR A 225 -15.79 -1.23 23.39
CA TYR A 225 -14.57 -1.14 22.53
C TYR A 225 -13.32 -1.24 23.41
N TRP A 226 -13.34 -0.66 24.61
CA TRP A 226 -12.16 -0.69 25.49
C TRP A 226 -11.89 -2.12 25.94
N LYS A 227 -12.92 -2.85 26.36
CA LYS A 227 -12.77 -4.26 26.82
C LYS A 227 -12.26 -5.12 25.66
N LEU A 228 -12.78 -4.90 24.47
CA LEU A 228 -12.35 -5.64 23.25
CA LEU A 228 -12.35 -5.65 23.27
C LEU A 228 -10.87 -5.36 22.98
N ALA A 229 -10.46 -4.11 23.06
CA ALA A 229 -9.08 -3.71 22.69
C ALA A 229 -8.08 -4.07 23.78
N TYR A 230 -8.45 -3.95 25.04
CA TYR A 230 -7.50 -4.10 26.17
C TYR A 230 -8.14 -4.88 27.31
N PRO A 231 -8.47 -6.17 27.09
CA PRO A 231 -9.24 -6.92 28.07
C PRO A 231 -8.54 -7.08 29.43
N ASP A 232 -7.21 -6.99 29.44
CA ASP A 232 -6.46 -7.19 30.71
CA ASP A 232 -6.34 -7.19 30.63
C ASP A 232 -5.97 -5.85 31.28
N ALA A 233 -6.54 -4.72 30.81
CA ALA A 233 -6.15 -3.38 31.31
C ALA A 233 -6.23 -3.33 32.84
N PRO A 234 -5.14 -2.98 33.55
CA PRO A 234 -5.22 -2.74 35.00
C PRO A 234 -6.24 -1.62 35.29
N GLY A 235 -7.21 -1.87 36.18
CA GLY A 235 -8.27 -0.92 36.52
C GLY A 235 -9.43 -0.93 35.55
N GLY A 236 -9.40 -1.79 34.54
CA GLY A 236 -10.50 -1.92 33.55
C GLY A 236 -10.84 -0.58 32.90
N ASN A 237 -12.11 -0.19 32.94
CA ASN A 237 -12.59 1.08 32.32
C ASN A 237 -12.01 2.29 33.05
N ASP A 238 -11.36 2.11 34.22
CA ASP A 238 -10.69 3.24 34.91
C ASP A 238 -9.17 3.19 34.72
N ASN A 239 -8.70 2.36 33.79
CA ASN A 239 -7.27 2.39 33.43
C ASN A 239 -6.94 3.80 32.98
N PRO A 240 -5.78 4.38 33.36
CA PRO A 240 -5.50 5.77 33.00
C PRO A 240 -5.42 6.04 31.49
N MET A 241 -5.21 5.01 30.67
CA MET A 241 -5.07 5.25 29.22
CA MET A 241 -5.08 5.19 29.21
C MET A 241 -6.46 5.40 28.58
N ILE A 242 -7.53 5.06 29.26
CA ILE A 242 -8.93 5.27 28.79
C ILE A 242 -9.64 6.33 29.65
N ASN A 243 -9.33 6.41 30.94
CA ASN A 243 -9.92 7.40 31.87
C ASN A 243 -8.79 8.32 32.33
N PRO A 244 -8.60 9.46 31.65
CA PRO A 244 -7.46 10.32 31.98
C PRO A 244 -7.62 11.09 33.30
N THR A 245 -8.76 10.92 33.97
CA THR A 245 -9.07 11.50 35.29
C THR A 245 -8.92 10.48 36.41
N ALA A 246 -8.53 9.24 36.14
CA ALA A 246 -8.42 8.22 37.19
C ALA A 246 -7.45 8.68 38.28
N GLU A 247 -7.68 8.20 39.50
CA GLU A 247 -6.83 8.53 40.67
C GLU A 247 -5.36 8.35 40.31
N ASN A 248 -5.00 7.25 39.66
CA ASN A 248 -3.54 7.00 39.44
C ASN A 248 -3.07 7.66 38.13
N ALA A 249 -3.84 8.53 37.50
CA ALA A 249 -3.53 8.90 36.11
C ALA A 249 -2.37 9.89 36.03
N PRO A 250 -1.59 9.84 34.94
CA PRO A 250 -0.54 10.82 34.73
C PRO A 250 -1.10 12.24 34.62
N ASP A 251 -0.31 13.18 35.09
CA ASP A 251 -0.68 14.61 35.12
C ASP A 251 -0.84 15.13 33.68
N LEU A 252 -2.01 15.67 33.38
CA LEU A 252 -2.25 16.23 32.01
C LEU A 252 -1.34 17.43 31.77
N ALA A 253 -0.88 18.09 32.83
CA ALA A 253 0.04 19.23 32.68
C ALA A 253 1.35 18.75 32.01
N GLY A 254 1.63 17.45 32.03
CA GLY A 254 2.83 16.87 31.42
C GLY A 254 2.73 16.63 29.93
N TYR A 255 1.62 16.94 29.28
CA TYR A 255 1.54 16.78 27.82
C TYR A 255 2.76 17.44 27.17
N GLY A 256 3.40 16.71 26.24
CA GLY A 256 4.60 17.23 25.55
C GLY A 256 4.26 18.03 24.30
N CYS A 257 3.36 18.98 24.40
CA CYS A 257 3.07 19.91 23.31
C CYS A 257 2.68 21.26 23.90
N SER A 258 2.53 22.28 23.05
CA SER A 258 2.22 23.64 23.55
CA SER A 258 2.30 23.70 23.39
C SER A 258 0.89 24.17 22.98
N ARG A 259 0.23 23.44 22.10
CA ARG A 259 -1.07 23.85 21.52
C ARG A 259 -1.95 22.63 21.41
N LEU A 260 -3.24 22.77 21.67
CA LEU A 260 -4.22 21.66 21.58
C LEU A 260 -5.50 22.19 20.95
N LEU A 261 -6.09 21.38 20.10
CA LEU A 261 -7.46 21.60 19.61
C LEU A 261 -8.28 20.38 19.98
N ILE A 262 -9.24 20.56 20.89
CA ILE A 262 -10.17 19.49 21.28
C ILE A 262 -11.49 19.75 20.60
N SER A 263 -12.00 18.76 19.91
CA SER A 263 -13.24 18.95 19.13
C SER A 263 -14.26 17.89 19.49
N MET A 264 -15.52 18.30 19.45
N MET A 264 -15.53 18.32 19.57
CA MET A 264 -16.63 17.39 19.77
CA MET A 264 -16.68 17.50 19.96
C MET A 264 -17.85 17.84 18.98
C MET A 264 -17.88 17.87 19.06
N VAL A 265 -18.87 17.00 19.05
CA VAL A 265 -20.12 17.19 18.28
C VAL A 265 -21.30 17.10 19.25
N ALA A 266 -22.48 17.32 18.69
CA ALA A 266 -23.74 17.47 19.45
C ALA A 266 -24.33 16.09 19.71
N ASP A 267 -23.63 15.29 20.52
CA ASP A 267 -24.15 13.96 20.93
C ASP A 267 -23.71 13.69 22.37
N GLU A 268 -24.03 12.51 22.89
CA GLU A 268 -23.85 12.27 24.32
C GLU A 268 -22.36 12.14 24.68
N ALA A 269 -21.49 11.81 23.75
CA ALA A 269 -20.04 11.72 24.06
C ALA A 269 -19.54 13.10 24.50
N ARG A 270 -20.21 14.16 24.08
CA ARG A 270 -19.81 15.54 24.46
C ARG A 270 -19.64 15.68 25.97
N ASP A 271 -20.55 15.08 26.73
CA ASP A 271 -20.49 15.22 28.21
C ASP A 271 -19.19 14.65 28.77
N ILE A 272 -18.72 13.54 28.19
CA ILE A 272 -17.43 12.95 28.60
C ILE A 272 -16.30 13.86 28.16
N THR A 273 -16.32 14.35 26.92
CA THR A 273 -15.24 15.23 26.44
C THR A 273 -15.16 16.48 27.31
N LEU A 274 -16.31 17.00 27.73
CA LEU A 274 -16.29 18.18 28.66
C LEU A 274 -15.58 17.85 29.97
N LEU A 275 -15.77 16.65 30.50
CA LEU A 275 -15.07 16.28 31.76
C LEU A 275 -13.56 16.22 31.52
N TYR A 276 -13.15 15.70 30.34
CA TYR A 276 -11.73 15.67 29.96
C TYR A 276 -11.20 17.11 29.89
N ILE A 277 -11.90 17.98 29.16
CA ILE A 277 -11.46 19.40 29.02
C ILE A 277 -11.35 20.01 30.44
N ASP A 278 -12.34 19.77 31.29
CA ASP A 278 -12.31 20.32 32.68
C ASP A 278 -11.03 19.84 33.39
N ALA A 279 -10.67 18.57 33.25
CA ALA A 279 -9.47 18.03 33.90
C ALA A 279 -8.22 18.69 33.32
N LEU A 280 -8.16 18.83 32.00
CA LEU A 280 -7.00 19.48 31.37
C LEU A 280 -6.85 20.91 31.90
N GLU A 281 -7.94 21.63 31.99
CA GLU A 281 -7.89 23.03 32.47
C GLU A 281 -7.48 23.05 33.96
N LYS A 282 -8.02 22.16 34.76
CA LYS A 282 -7.71 22.13 36.20
C LYS A 282 -6.24 21.77 36.38
N SER A 283 -5.68 20.94 35.49
CA SER A 283 -4.29 20.45 35.66
C SER A 283 -3.30 21.61 35.67
N GLY A 284 -3.63 22.72 35.00
CA GLY A 284 -2.72 23.86 34.87
C GLY A 284 -1.82 23.77 33.64
N TRP A 285 -2.03 22.80 32.74
CA TRP A 285 -1.22 22.65 31.49
C TRP A 285 -1.07 24.02 30.85
N LYS A 286 0.20 24.33 30.55
N LYS A 286 0.13 24.52 30.55
CA LYS A 286 0.67 25.60 29.93
CA LYS A 286 0.30 25.99 30.34
C LYS A 286 0.70 25.47 28.41
C LYS A 286 -0.01 26.45 28.90
N GLY A 287 -0.17 26.23 27.80
N GLY A 287 -0.39 25.58 27.97
CA GLY A 287 -0.31 26.16 26.37
CA GLY A 287 -0.40 25.90 26.53
C GLY A 287 -1.65 26.69 25.95
C GLY A 287 -1.68 26.56 26.00
N GLU A 288 -1.80 26.70 24.66
CA GLU A 288 -2.98 27.22 23.96
C GLU A 288 -3.97 26.06 23.86
N LEU A 289 -5.15 26.22 24.41
CA LEU A 289 -6.21 25.19 24.37
CA LEU A 289 -6.21 25.20 24.39
C LEU A 289 -7.38 25.78 23.59
N ASP A 290 -7.59 25.26 22.40
CA ASP A 290 -8.69 25.63 21.50
C ASP A 290 -9.73 24.54 21.54
N VAL A 291 -10.97 24.92 21.34
CA VAL A 291 -12.11 23.98 21.27
C VAL A 291 -12.90 24.27 20.00
N ALA A 292 -13.25 23.21 19.28
CA ALA A 292 -14.19 23.23 18.13
C ALA A 292 -15.40 22.38 18.47
N ASP A 293 -16.44 23.03 18.96
CA ASP A 293 -17.67 22.40 19.49
C ASP A 293 -18.74 22.55 18.41
N PHE A 294 -18.88 21.51 17.61
CA PHE A 294 -19.74 21.57 16.39
C PHE A 294 -21.18 21.19 16.71
N ASP A 295 -22.12 21.93 16.12
CA ASP A 295 -23.56 21.57 16.18
C ASP A 295 -23.86 20.63 15.00
N LYS A 296 -23.15 19.51 14.95
CA LYS A 296 -23.18 18.49 13.89
C LYS A 296 -23.06 17.12 14.55
N GLN A 297 -23.16 16.05 13.77
CA GLN A 297 -22.94 14.64 14.23
C GLN A 297 -21.54 14.20 13.79
N TYR A 298 -20.98 13.22 14.49
CA TYR A 298 -19.60 12.71 14.30
C TYR A 298 -19.29 12.43 12.83
N PHE A 299 -20.23 11.74 12.17
N PHE A 299 -20.16 11.69 12.14
CA PHE A 299 -20.05 11.15 10.81
CA PHE A 299 -19.83 11.18 10.78
C PHE A 299 -19.94 12.26 9.76
C PHE A 299 -19.86 12.30 9.74
N GLU A 300 -20.41 13.48 10.06
CA GLU A 300 -20.54 14.55 9.05
C GLU A 300 -19.16 15.08 8.64
N LEU A 301 -18.12 14.87 9.48
CA LEU A 301 -16.75 15.34 9.15
C LEU A 301 -16.19 14.59 7.93
N PHE A 302 -16.58 13.32 7.74
CA PHE A 302 -15.86 12.36 6.86
C PHE A 302 -16.56 12.22 5.52
N GLU A 303 -17.70 12.91 5.30
CA GLU A 303 -18.40 12.87 3.99
C GLU A 303 -17.79 13.92 3.06
N MET A 304 -16.70 13.61 2.37
CA MET A 304 -15.79 14.65 1.81
C MET A 304 -16.33 15.34 0.55
N GLU A 305 -17.49 14.97 -0.02
CA GLU A 305 -18.11 15.75 -1.12
C GLU A 305 -19.23 16.69 -0.62
N THR A 306 -19.31 17.01 0.67
CA THR A 306 -20.42 17.84 1.22
C THR A 306 -19.87 19.15 1.80
N GLU A 307 -20.69 20.20 1.79
CA GLU A 307 -20.34 21.55 2.31
C GLU A 307 -20.07 21.46 3.82
N VAL A 308 -20.89 20.69 4.52
CA VAL A 308 -20.74 20.52 5.99
C VAL A 308 -19.35 19.94 6.28
N ALA A 309 -18.94 18.89 5.56
CA ALA A 309 -17.64 18.22 5.83
C ALA A 309 -16.50 19.19 5.53
N LYS A 310 -16.60 19.91 4.41
CA LYS A 310 -15.58 20.92 3.99
C LYS A 310 -15.45 21.93 5.13
N ASN A 311 -16.58 22.39 5.67
CA ASN A 311 -16.58 23.46 6.69
C ASN A 311 -15.98 22.90 7.99
N MET A 312 -16.35 21.68 8.38
CA MET A 312 -15.84 21.12 9.64
C MET A 312 -14.33 20.88 9.49
N LEU A 313 -13.92 20.32 8.36
CA LEU A 313 -12.49 20.00 8.15
C LEU A 313 -11.68 21.30 8.05
N ARG A 314 -12.20 22.32 7.37
CA ARG A 314 -11.56 23.65 7.29
C ARG A 314 -11.28 24.16 8.72
N ARG A 315 -12.26 24.05 9.61
CA ARG A 315 -12.13 24.51 11.02
C ARG A 315 -10.96 23.79 11.67
N LEU A 316 -10.87 22.46 11.54
CA LEU A 316 -9.80 21.69 12.19
C LEU A 316 -8.47 22.02 11.53
N ALA A 317 -8.43 22.02 10.20
CA ALA A 317 -7.17 22.22 9.47
C ALA A 317 -6.59 23.61 9.72
N SER A 318 -7.42 24.60 10.06
CA SER A 318 -6.98 25.99 10.35
C SER A 318 -6.01 26.03 11.52
N PHE A 319 -6.01 24.99 12.36
CA PHE A 319 -5.15 24.91 13.55
C PHE A 319 -3.69 24.59 13.13
N ILE A 320 -3.53 23.97 11.96
CA ILE A 320 -2.19 23.53 11.47
C ILE A 320 -1.53 24.75 10.84
N LYS A 321 -0.66 25.40 11.60
CA LYS A 321 0.04 26.64 11.21
C LYS A 321 1.54 26.44 11.32
N GLU B 7 -28.67 -9.33 -13.97
CA GLU B 7 -28.23 -10.16 -15.14
C GLU B 7 -26.71 -10.04 -15.31
N THR B 8 -26.05 -11.16 -15.55
CA THR B 8 -24.56 -11.26 -15.66
C THR B 8 -24.15 -11.44 -17.12
N ILE B 9 -22.95 -10.95 -17.46
CA ILE B 9 -22.30 -11.21 -18.77
C ILE B 9 -21.04 -12.06 -18.54
N PHE B 10 -20.59 -12.18 -17.28
CA PHE B 10 -19.42 -13.00 -16.91
C PHE B 10 -19.56 -13.44 -15.44
N ASP B 11 -19.40 -14.75 -15.19
CA ASP B 11 -19.48 -15.35 -13.85
C ASP B 11 -18.44 -16.46 -13.73
N LEU B 12 -17.44 -16.27 -12.87
CA LEU B 12 -16.43 -17.29 -12.51
C LEU B 12 -16.24 -17.28 -11.00
N PRO B 13 -17.20 -17.88 -10.24
CA PRO B 13 -17.20 -17.79 -8.79
C PRO B 13 -16.08 -18.59 -8.11
N PRO B 14 -15.64 -18.19 -6.89
CA PRO B 14 -16.12 -16.99 -6.21
C PRO B 14 -15.33 -15.71 -6.52
N TYR B 15 -14.59 -15.68 -7.63
CA TYR B 15 -13.51 -14.69 -7.87
C TYR B 15 -14.06 -13.45 -8.58
N ILE B 16 -14.92 -13.59 -9.57
CA ILE B 16 -15.43 -12.38 -10.29
C ILE B 16 -16.81 -12.63 -10.89
N LYS B 17 -17.64 -11.61 -10.76
CA LYS B 17 -18.99 -11.56 -11.36
C LYS B 17 -19.13 -10.20 -12.04
N VAL B 18 -19.45 -10.19 -13.34
CA VAL B 18 -19.68 -8.95 -14.13
C VAL B 18 -21.15 -8.91 -14.56
N PHE B 19 -21.84 -7.81 -14.24
CA PHE B 19 -23.28 -7.60 -14.55
C PHE B 19 -23.41 -6.79 -15.85
N LYS B 20 -24.55 -6.94 -16.52
CA LYS B 20 -24.88 -6.26 -17.81
C LYS B 20 -24.75 -4.73 -17.64
N ASP B 21 -25.07 -4.19 -16.47
CA ASP B 21 -25.05 -2.72 -16.20
C ASP B 21 -23.62 -2.26 -15.85
N GLY B 22 -22.63 -3.16 -15.87
CA GLY B 22 -21.20 -2.84 -15.72
C GLY B 22 -20.69 -3.11 -14.31
N ARG B 23 -21.58 -3.46 -13.37
CA ARG B 23 -21.23 -3.78 -11.97
C ARG B 23 -20.29 -4.99 -11.95
N VAL B 24 -19.23 -4.92 -11.14
CA VAL B 24 -18.26 -6.04 -10.95
C VAL B 24 -18.19 -6.38 -9.46
N GLU B 25 -18.35 -7.66 -9.15
CA GLU B 25 -18.21 -8.21 -7.78
C GLU B 25 -16.97 -9.10 -7.74
N ARG B 26 -16.06 -8.82 -6.81
CA ARG B 26 -14.88 -9.70 -6.55
C ARG B 26 -14.94 -10.15 -5.09
N LEU B 27 -15.42 -11.36 -4.89
CA LEU B 27 -15.29 -12.06 -3.59
C LEU B 27 -14.03 -12.94 -3.61
N HIS B 28 -13.56 -13.28 -2.42
CA HIS B 28 -12.56 -14.34 -2.17
C HIS B 28 -11.22 -13.95 -2.80
N SER B 29 -10.87 -12.66 -2.82
CA SER B 29 -9.49 -12.26 -3.24
C SER B 29 -8.54 -12.48 -2.05
N SER B 30 -7.26 -12.63 -2.33
CA SER B 30 -6.25 -12.82 -1.27
C SER B 30 -6.14 -11.51 -0.47
N PRO B 31 -5.74 -11.57 0.80
CA PRO B 31 -5.72 -10.36 1.63
C PRO B 31 -4.54 -9.42 1.32
N TYR B 32 -4.80 -8.14 1.51
CA TYR B 32 -3.76 -7.11 1.48
C TYR B 32 -2.68 -7.44 2.52
N VAL B 33 -1.43 -7.18 2.16
CA VAL B 33 -0.25 -7.29 3.06
C VAL B 33 0.45 -5.94 3.04
N PRO B 34 0.57 -5.25 4.21
CA PRO B 34 1.16 -3.92 4.21
C PRO B 34 2.67 -3.93 4.01
N PRO B 35 3.26 -2.75 3.78
CA PRO B 35 4.71 -2.61 3.71
C PRO B 35 5.39 -3.17 4.96
N SER B 36 6.60 -3.65 4.80
CA SER B 36 7.39 -4.20 5.93
C SER B 36 8.87 -3.97 5.68
N LEU B 37 9.63 -3.74 6.73
CA LEU B 37 11.09 -3.60 6.72
C LEU B 37 11.67 -4.87 7.37
N ASN B 38 12.62 -5.54 6.71
N ASN B 38 12.65 -5.52 6.76
CA ASN B 38 13.43 -6.63 7.29
CA ASN B 38 13.39 -6.65 7.43
C ASN B 38 12.47 -7.77 7.72
C ASN B 38 12.41 -7.78 7.75
N ASP B 39 11.72 -8.31 6.75
CA ASP B 39 10.75 -9.42 6.93
C ASP B 39 11.44 -10.64 7.52
N PRO B 40 11.02 -11.12 8.71
CA PRO B 40 11.67 -12.31 9.26
C PRO B 40 11.53 -13.56 8.39
N GLU B 41 10.37 -13.75 7.75
CA GLU B 41 10.07 -15.05 7.07
C GLU B 41 11.05 -15.27 5.89
N THR B 42 11.50 -14.20 5.23
CA THR B 42 12.43 -14.27 4.07
C THR B 42 13.87 -13.91 4.44
N GLY B 43 14.16 -13.71 5.72
CA GLY B 43 15.51 -13.34 6.17
C GLY B 43 15.89 -11.92 5.79
N GLY B 44 14.89 -11.03 5.70
CA GLY B 44 15.18 -9.59 5.69
C GLY B 44 14.71 -8.84 4.44
N VAL B 45 13.89 -9.42 3.58
CA VAL B 45 13.33 -8.65 2.43
C VAL B 45 12.50 -7.50 2.98
N SER B 46 12.54 -6.36 2.29
CA SER B 46 11.73 -5.17 2.63
C SER B 46 10.90 -4.77 1.43
N TRP B 47 9.78 -4.11 1.64
CA TRP B 47 9.00 -3.62 0.47
C TRP B 47 8.22 -2.38 0.85
N LYS B 48 7.90 -1.58 -0.16
CA LYS B 48 7.18 -0.31 -0.04
C LYS B 48 6.32 -0.13 -1.28
N ASP B 49 5.31 0.68 -1.22
CA ASP B 49 4.40 0.91 -2.35
C ASP B 49 4.50 2.35 -2.79
N VAL B 50 4.84 2.55 -4.06
CA VAL B 50 5.16 3.91 -4.52
C VAL B 50 4.32 4.29 -5.73
N PRO B 51 4.03 5.58 -5.87
CA PRO B 51 3.25 6.07 -7.00
C PRO B 51 4.20 6.28 -8.18
N ILE B 52 3.69 5.91 -9.36
CA ILE B 52 4.41 6.13 -10.65
C ILE B 52 3.70 7.21 -11.44
N SER B 53 2.38 7.21 -11.40
CA SER B 53 1.57 8.26 -12.03
C SER B 53 0.29 8.45 -11.22
N SER B 54 -0.67 9.17 -11.72
CA SER B 54 -1.98 9.27 -11.04
C SER B 54 -2.69 7.92 -11.03
N VAL B 55 -2.34 7.02 -11.98
CA VAL B 55 -3.13 5.77 -12.13
C VAL B 55 -2.25 4.51 -12.06
N VAL B 56 -0.94 4.62 -11.94
CA VAL B 56 -0.04 3.46 -11.84
C VAL B 56 0.72 3.57 -10.51
N SER B 57 0.99 2.43 -9.91
CA SER B 57 1.83 2.33 -8.70
C SER B 57 2.53 1.00 -8.75
N ALA B 58 3.44 0.75 -7.83
CA ALA B 58 4.18 -0.51 -7.79
C ALA B 58 4.65 -0.80 -6.36
N ARG B 59 4.83 -2.08 -6.07
CA ARG B 59 5.51 -2.54 -4.83
C ARG B 59 6.98 -2.75 -5.12
N ILE B 60 7.88 -2.06 -4.47
CA ILE B 60 9.33 -2.15 -4.66
C ILE B 60 9.89 -3.05 -3.56
N TYR B 61 10.72 -3.99 -3.91
CA TYR B 61 11.30 -4.97 -2.98
C TYR B 61 12.81 -4.85 -2.99
N LEU B 62 13.39 -4.95 -1.79
N LEU B 62 13.40 -4.92 -1.79
CA LEU B 62 14.86 -5.03 -1.64
CA LEU B 62 14.87 -5.04 -1.63
C LEU B 62 15.17 -6.29 -0.86
C LEU B 62 15.15 -6.31 -0.88
N PRO B 63 16.16 -7.10 -1.28
CA PRO B 63 16.62 -8.21 -0.46
C PRO B 63 17.41 -7.64 0.71
N LYS B 64 17.77 -8.48 1.69
CA LYS B 64 18.67 -8.03 2.76
C LYS B 64 19.96 -7.52 2.13
N ILE B 65 20.33 -6.29 2.46
CA ILE B 65 21.53 -5.60 1.93
C ILE B 65 22.70 -5.87 2.87
N ASN B 66 23.77 -6.49 2.39
CA ASN B 66 24.95 -6.85 3.20
C ASN B 66 26.09 -5.86 2.94
N ASN B 67 26.01 -5.07 1.89
CA ASN B 67 27.04 -4.10 1.45
C ASN B 67 26.32 -2.96 0.73
N HIS B 68 26.43 -1.74 1.23
N HIS B 68 26.46 -1.74 1.22
CA HIS B 68 25.68 -0.55 0.73
CA HIS B 68 25.70 -0.54 0.76
C HIS B 68 26.13 -0.20 -0.68
C HIS B 68 26.17 -0.13 -0.64
N ASP B 69 27.32 -0.65 -1.09
CA ASP B 69 27.95 -0.33 -2.40
C ASP B 69 27.74 -1.46 -3.42
N GLU B 70 26.92 -2.48 -3.13
CA GLU B 70 26.61 -3.59 -4.07
C GLU B 70 25.54 -3.15 -5.08
N LYS B 71 25.56 -3.69 -6.29
CA LYS B 71 24.51 -3.46 -7.32
C LYS B 71 23.86 -4.79 -7.67
N LEU B 72 22.55 -4.76 -7.84
CA LEU B 72 21.71 -5.97 -7.94
C LEU B 72 21.00 -5.99 -9.28
N PRO B 73 20.63 -7.20 -9.76
CA PRO B 73 19.75 -7.30 -10.90
C PRO B 73 18.40 -6.71 -10.52
N ILE B 74 17.69 -6.18 -11.52
CA ILE B 74 16.37 -5.50 -11.36
CA ILE B 74 16.36 -5.59 -11.20
C ILE B 74 15.31 -6.36 -12.01
N ILE B 75 14.27 -6.80 -11.38
CA ILE B 75 13.15 -7.54 -11.97
C ILE B 75 11.93 -6.65 -12.02
N VAL B 76 11.33 -6.43 -13.18
CA VAL B 76 10.03 -5.75 -13.29
C VAL B 76 9.02 -6.83 -13.49
N TYR B 77 8.06 -6.98 -12.60
CA TYR B 77 7.15 -8.12 -12.50
C TYR B 77 5.73 -7.66 -12.76
N PHE B 78 5.05 -8.38 -13.65
CA PHE B 78 3.63 -8.15 -13.97
C PHE B 78 2.81 -9.37 -13.58
N HIS B 79 1.98 -9.23 -12.53
CA HIS B 79 1.20 -10.37 -12.04
C HIS B 79 0.17 -10.87 -13.07
N GLY B 80 -0.25 -12.11 -12.92
CA GLY B 80 -1.27 -12.73 -13.76
C GLY B 80 -2.67 -12.66 -13.13
N ALA B 81 -3.48 -13.68 -13.37
CA ALA B 81 -4.87 -13.85 -12.89
C ALA B 81 -5.88 -13.10 -13.79
N GLY B 82 -5.83 -13.33 -15.09
CA GLY B 82 -6.99 -13.11 -15.98
C GLY B 82 -7.10 -11.70 -16.53
N PHE B 83 -6.15 -10.79 -16.26
CA PHE B 83 -6.25 -9.32 -16.49
C PHE B 83 -7.27 -8.68 -15.55
N CYS B 84 -7.95 -9.43 -14.70
CA CYS B 84 -9.17 -8.95 -14.01
C CYS B 84 -9.17 -9.22 -12.52
N LEU B 85 -8.15 -9.87 -11.95
CA LEU B 85 -8.11 -10.23 -10.52
C LEU B 85 -6.78 -9.84 -9.91
N GLU B 86 -6.83 -9.75 -8.60
CA GLU B 86 -5.67 -9.70 -7.70
C GLU B 86 -4.90 -8.39 -7.85
N SER B 87 -3.78 -8.32 -7.14
CA SER B 87 -3.07 -7.06 -6.86
C SER B 87 -1.62 -7.38 -6.54
N ALA B 88 -0.74 -6.47 -6.89
CA ALA B 88 0.68 -6.52 -6.45
C ALA B 88 0.77 -6.44 -4.91
N PHE B 89 -0.26 -5.90 -4.27
CA PHE B 89 -0.22 -5.63 -2.81
C PHE B 89 -0.92 -6.73 -2.04
N LYS B 90 -1.53 -7.71 -2.67
CA LYS B 90 -2.25 -8.82 -2.01
C LYS B 90 -1.35 -10.04 -1.92
N SER B 91 -1.65 -10.89 -0.95
CA SER B 91 -0.78 -11.98 -0.50
CA SER B 91 -0.71 -11.94 -0.51
C SER B 91 -0.45 -12.98 -1.62
N PHE B 92 -1.39 -13.27 -2.50
CA PHE B 92 -1.16 -14.34 -3.50
C PHE B 92 0.12 -14.07 -4.30
N PHE B 93 0.20 -12.92 -4.95
CA PHE B 93 1.38 -12.58 -5.77
C PHE B 93 2.49 -12.03 -4.87
N HIS B 94 2.14 -11.21 -3.86
CA HIS B 94 3.19 -10.59 -3.03
C HIS B 94 4.07 -11.66 -2.36
N THR B 95 3.48 -12.73 -1.89
CA THR B 95 4.24 -13.74 -1.12
C THR B 95 5.22 -14.42 -2.08
N TYR B 96 4.79 -14.64 -3.32
CA TYR B 96 5.60 -15.24 -4.39
C TYR B 96 6.76 -14.31 -4.74
N VAL B 97 6.46 -13.03 -4.94
CA VAL B 97 7.52 -12.07 -5.32
C VAL B 97 8.58 -11.96 -4.22
N LYS B 98 8.19 -11.82 -2.95
CA LYS B 98 9.24 -11.65 -1.93
C LYS B 98 10.14 -12.88 -1.87
N HIS B 99 9.60 -14.06 -2.20
N HIS B 99 9.60 -14.07 -2.18
CA HIS B 99 10.43 -15.30 -2.24
CA HIS B 99 10.40 -15.31 -2.24
C HIS B 99 11.40 -15.28 -3.42
C HIS B 99 11.40 -15.24 -3.40
N PHE B 100 10.99 -14.82 -4.61
CA PHE B 100 11.97 -14.76 -5.71
C PHE B 100 12.96 -13.61 -5.50
N VAL B 101 12.58 -12.55 -4.79
CA VAL B 101 13.56 -11.49 -4.44
C VAL B 101 14.65 -12.08 -3.55
N ALA B 102 14.26 -12.83 -2.52
CA ALA B 102 15.24 -13.45 -1.60
C ALA B 102 16.13 -14.43 -2.36
N GLU B 103 15.54 -15.22 -3.25
CA GLU B 103 16.28 -16.28 -3.98
CA GLU B 103 16.29 -16.29 -3.97
C GLU B 103 17.28 -15.69 -4.98
N ALA B 104 16.83 -14.71 -5.76
CA ALA B 104 17.64 -14.11 -6.84
C ALA B 104 18.52 -12.98 -6.32
N LYS B 105 18.29 -12.53 -5.09
CA LYS B 105 19.00 -11.36 -4.48
C LYS B 105 18.90 -10.19 -5.47
N ALA B 106 17.67 -9.84 -5.80
CA ALA B 106 17.35 -8.86 -6.85
C ALA B 106 16.41 -7.80 -6.28
N ILE B 107 16.52 -6.59 -6.79
CA ILE B 107 15.45 -5.59 -6.54
CA ILE B 107 15.45 -5.56 -6.62
C ILE B 107 14.26 -6.00 -7.42
N ALA B 108 13.04 -5.90 -6.96
CA ALA B 108 11.85 -6.17 -7.79
C ALA B 108 10.94 -4.97 -7.78
N VAL B 109 10.26 -4.75 -8.88
CA VAL B 109 9.22 -3.73 -9.04
C VAL B 109 7.98 -4.48 -9.50
N SER B 110 7.00 -4.72 -8.67
CA SER B 110 5.77 -5.46 -8.97
C SER B 110 4.70 -4.47 -9.29
N VAL B 111 4.25 -4.39 -10.54
CA VAL B 111 3.42 -3.28 -11.01
C VAL B 111 1.96 -3.48 -10.63
N GLU B 112 1.35 -2.41 -10.11
CA GLU B 112 -0.10 -2.38 -9.92
C GLU B 112 -0.74 -1.67 -11.09
N PHE B 113 -1.13 -2.46 -12.07
CA PHE B 113 -1.78 -1.97 -13.29
C PHE B 113 -3.29 -2.03 -13.12
N ARG B 114 -4.01 -1.24 -13.93
CA ARG B 114 -5.47 -1.19 -13.87
C ARG B 114 -6.08 -2.49 -14.38
N LEU B 115 -7.09 -3.01 -13.69
CA LEU B 115 -7.75 -4.29 -14.01
C LEU B 115 -8.92 -4.07 -14.96
N ALA B 116 -9.13 -5.06 -15.80
CA ALA B 116 -10.37 -5.22 -16.57
C ALA B 116 -11.43 -5.84 -15.67
N PRO B 117 -12.73 -5.73 -16.00
CA PRO B 117 -13.22 -4.97 -17.16
C PRO B 117 -13.46 -3.48 -16.89
N GLU B 118 -13.26 -3.00 -15.67
CA GLU B 118 -13.44 -1.56 -15.39
C GLU B 118 -12.54 -0.72 -16.30
N ASN B 119 -11.31 -1.19 -16.53
CA ASN B 119 -10.33 -0.57 -17.44
C ASN B 119 -9.93 -1.64 -18.44
N HIS B 120 -10.56 -1.67 -19.60
CA HIS B 120 -10.26 -2.70 -20.62
C HIS B 120 -8.82 -2.56 -21.07
N LEU B 121 -8.28 -3.66 -21.59
CA LEU B 121 -7.05 -3.56 -22.39
C LEU B 121 -7.33 -2.56 -23.50
N PRO B 122 -6.32 -1.77 -23.96
CA PRO B 122 -4.91 -1.93 -23.57
C PRO B 122 -4.44 -1.24 -22.28
N ALA B 123 -5.33 -0.82 -21.39
CA ALA B 123 -4.91 -0.10 -20.17
C ALA B 123 -3.76 -0.84 -19.43
N ALA B 124 -3.90 -2.13 -19.16
CA ALA B 124 -2.86 -2.85 -18.37
C ALA B 124 -1.53 -2.81 -19.10
N TYR B 125 -1.58 -2.99 -20.42
CA TYR B 125 -0.34 -2.94 -21.23
C TYR B 125 0.34 -1.57 -21.06
N GLU B 126 -0.43 -0.50 -21.15
N GLU B 126 -0.45 -0.50 -21.16
CA GLU B 126 0.16 0.85 -21.07
CA GLU B 126 0.05 0.89 -21.09
C GLU B 126 0.66 1.09 -19.64
C GLU B 126 0.60 1.13 -19.67
N ASP B 127 -0.08 0.65 -18.63
CA ASP B 127 0.32 0.88 -17.20
C ASP B 127 1.67 0.18 -16.95
N CYS B 128 1.81 -1.05 -17.46
CA CYS B 128 3.05 -1.82 -17.30
C CYS B 128 4.21 -1.16 -18.04
N TRP B 129 3.91 -0.67 -19.26
CA TRP B 129 4.93 0.08 -20.02
C TRP B 129 5.37 1.33 -19.27
N GLU B 130 4.41 2.08 -18.73
CA GLU B 130 4.72 3.32 -17.99
C GLU B 130 5.58 2.97 -16.75
N ALA B 131 5.27 1.88 -16.09
CA ALA B 131 6.06 1.47 -14.89
C ALA B 131 7.48 1.12 -15.30
N LEU B 132 7.62 0.41 -16.45
CA LEU B 132 8.95 0.03 -16.94
C LEU B 132 9.75 1.27 -17.33
N GLN B 133 9.11 2.21 -18.05
CA GLN B 133 9.78 3.48 -18.40
C GLN B 133 10.20 4.21 -17.11
N TRP B 134 9.34 4.22 -16.10
CA TRP B 134 9.67 4.88 -14.81
C TRP B 134 10.92 4.21 -14.19
N VAL B 135 10.96 2.89 -14.21
CA VAL B 135 12.18 2.21 -13.71
C VAL B 135 13.40 2.69 -14.49
N ALA B 136 13.29 2.62 -15.83
CA ALA B 136 14.41 2.95 -16.73
C ALA B 136 14.86 4.41 -16.60
N SER B 137 13.97 5.31 -16.16
CA SER B 137 14.28 6.74 -16.01
C SER B 137 15.27 6.97 -14.86
N HIS B 138 15.58 5.95 -14.07
CA HIS B 138 16.54 6.09 -12.95
C HIS B 138 17.99 5.92 -13.42
N VAL B 139 18.23 5.46 -14.65
CA VAL B 139 19.62 5.12 -15.04
C VAL B 139 20.49 6.36 -14.91
N GLY B 140 21.66 6.21 -14.31
CA GLY B 140 22.64 7.31 -14.20
C GLY B 140 22.29 8.36 -13.16
N LEU B 141 21.11 8.32 -12.52
CA LEU B 141 20.78 9.32 -11.47
C LEU B 141 21.69 9.12 -10.26
N ASP B 142 21.96 10.18 -9.51
CA ASP B 142 22.55 10.04 -8.17
C ASP B 142 21.51 10.43 -7.13
N ILE B 143 21.82 10.16 -5.89
CA ILE B 143 20.88 10.36 -4.76
C ILE B 143 20.50 11.85 -4.71
N SER B 144 21.39 12.76 -5.10
CA SER B 144 21.10 14.23 -5.12
C SER B 144 19.89 14.56 -6.00
N SER B 145 19.57 13.74 -7.01
N SER B 145 19.59 13.73 -7.01
CA SER B 145 18.37 13.95 -7.87
CA SER B 145 18.38 13.90 -7.87
C SER B 145 17.09 14.00 -7.02
C SER B 145 17.10 13.99 -7.03
N LEU B 146 17.09 13.32 -5.87
CA LEU B 146 15.87 13.23 -5.03
C LEU B 146 15.57 14.58 -4.36
N LYS B 147 16.48 15.56 -4.41
CA LYS B 147 16.19 16.93 -3.92
C LYS B 147 15.07 17.52 -4.77
N THR B 148 14.96 17.18 -6.06
CA THR B 148 14.02 17.85 -7.01
C THR B 148 13.04 16.89 -7.71
N CYS B 149 13.25 15.58 -7.68
CA CYS B 149 12.40 14.59 -8.41
C CYS B 149 11.55 13.80 -7.40
N ILE B 150 10.30 14.20 -7.11
CA ILE B 150 9.50 13.61 -5.99
C ILE B 150 9.16 12.15 -6.30
N ASP B 151 9.21 11.70 -7.55
CA ASP B 151 8.72 10.36 -7.98
CA ASP B 151 8.70 10.33 -7.86
C ASP B 151 9.84 9.33 -8.01
N LYS B 152 11.10 9.75 -7.89
CA LYS B 152 12.22 8.80 -8.09
C LYS B 152 12.53 8.03 -6.80
N ASP B 153 13.02 6.81 -6.94
CA ASP B 153 13.13 5.83 -5.86
C ASP B 153 14.57 5.72 -5.38
N PRO B 154 14.88 6.04 -4.09
CA PRO B 154 16.26 5.88 -3.61
C PRO B 154 16.79 4.44 -3.70
N TRP B 155 15.93 3.45 -3.51
CA TRP B 155 16.37 2.02 -3.56
C TRP B 155 16.85 1.68 -4.98
N ILE B 156 16.15 2.15 -6.00
CA ILE B 156 16.56 1.90 -7.40
C ILE B 156 17.86 2.66 -7.65
N ILE B 157 17.95 3.93 -7.25
CA ILE B 157 19.19 4.72 -7.48
C ILE B 157 20.36 3.98 -6.83
N ASN B 158 20.20 3.59 -5.57
CA ASN B 158 21.31 3.02 -4.81
C ASN B 158 21.73 1.64 -5.33
N TYR B 159 20.78 0.79 -5.70
CA TYR B 159 21.07 -0.65 -5.82
C TYR B 159 20.84 -1.22 -7.22
N ALA B 160 20.14 -0.56 -8.13
CA ALA B 160 19.76 -1.22 -9.41
C ALA B 160 20.96 -1.26 -10.36
N ASP B 161 21.20 -2.44 -10.93
CA ASP B 161 22.18 -2.62 -12.04
C ASP B 161 21.41 -2.64 -13.36
N PHE B 162 21.42 -1.53 -14.11
CA PHE B 162 20.65 -1.44 -15.38
C PHE B 162 21.24 -2.32 -16.48
N ASP B 163 22.41 -2.91 -16.29
CA ASP B 163 22.94 -3.91 -17.25
C ASP B 163 22.32 -5.28 -16.97
N ARG B 164 21.48 -5.41 -15.93
CA ARG B 164 20.84 -6.68 -15.55
C ARG B 164 19.36 -6.43 -15.24
N LEU B 165 18.66 -5.85 -16.20
CA LEU B 165 17.21 -5.60 -16.11
C LEU B 165 16.46 -6.80 -16.68
N TYR B 166 15.51 -7.32 -15.96
CA TYR B 166 14.68 -8.46 -16.33
C TYR B 166 13.21 -8.13 -16.22
N LEU B 167 12.40 -8.70 -17.11
CA LEU B 167 10.95 -8.77 -16.93
C LEU B 167 10.58 -10.15 -16.43
N TRP B 168 9.47 -10.24 -15.72
CA TRP B 168 8.94 -11.53 -15.24
C TRP B 168 7.43 -11.43 -15.22
N GLY B 169 6.74 -12.37 -15.81
CA GLY B 169 5.29 -12.44 -15.77
C GLY B 169 4.79 -13.85 -15.66
N ASP B 170 3.58 -14.02 -15.13
CA ASP B 170 2.88 -15.34 -15.17
C ASP B 170 1.48 -15.16 -15.78
N SER B 171 0.99 -16.16 -16.53
CA SER B 171 -0.33 -16.16 -17.26
C SER B 171 -0.57 -14.85 -18.02
N THR B 172 -1.57 -14.06 -17.63
CA THR B 172 -1.86 -12.79 -18.32
C THR B 172 -0.72 -11.79 -18.11
N GLY B 173 0.02 -11.88 -16.98
CA GLY B 173 1.19 -11.04 -16.81
C GLY B 173 2.29 -11.38 -17.81
N ALA B 174 2.45 -12.66 -18.10
CA ALA B 174 3.39 -13.10 -19.17
C ALA B 174 2.91 -12.65 -20.57
N ASN B 175 1.61 -12.58 -20.79
CA ASN B 175 1.08 -11.92 -22.01
C ASN B 175 1.53 -10.47 -22.04
N ILE B 176 1.44 -9.77 -20.88
CA ILE B 176 1.93 -8.38 -20.84
C ILE B 176 3.43 -8.38 -21.15
N VAL B 177 4.22 -9.30 -20.60
CA VAL B 177 5.67 -9.37 -20.91
C VAL B 177 5.88 -9.50 -22.44
N HIS B 178 5.16 -10.41 -23.07
CA HIS B 178 5.28 -10.59 -24.54
C HIS B 178 5.07 -9.26 -25.26
N ASN B 179 3.95 -8.59 -24.95
CA ASN B 179 3.61 -7.36 -25.67
C ASN B 179 4.60 -6.26 -25.36
N THR B 180 5.11 -6.23 -24.12
CA THR B 180 6.14 -5.27 -23.68
C THR B 180 7.44 -5.51 -24.44
N LEU B 181 7.82 -6.77 -24.63
CA LEU B 181 9.07 -7.08 -25.39
C LEU B 181 8.95 -6.66 -26.87
N ILE B 182 7.79 -6.86 -27.48
CA ILE B 182 7.58 -6.38 -28.88
C ILE B 182 7.69 -4.86 -28.88
N ARG B 183 7.04 -4.22 -27.91
CA ARG B 183 7.05 -2.75 -27.84
C ARG B 183 8.47 -2.23 -27.68
N SER B 184 9.28 -2.87 -26.82
CA SER B 184 10.66 -2.41 -26.55
C SER B 184 11.58 -2.50 -27.77
N GLY B 185 11.21 -3.28 -28.79
CA GLY B 185 11.97 -3.28 -30.04
C GLY B 185 11.66 -2.08 -30.93
N LYS B 186 10.52 -1.43 -30.72
CA LYS B 186 10.03 -0.33 -31.60
C LYS B 186 10.17 1.01 -30.88
N GLU B 187 9.80 1.01 -29.59
CA GLU B 187 9.92 2.15 -28.68
C GLU B 187 10.99 1.77 -27.66
N LYS B 188 12.22 2.21 -27.91
CA LYS B 188 13.34 1.81 -27.05
C LYS B 188 13.13 2.43 -25.65
N LEU B 189 13.45 1.71 -24.60
CA LEU B 189 13.26 2.18 -23.20
C LEU B 189 14.17 3.38 -22.97
N ASN B 190 13.60 4.43 -22.39
CA ASN B 190 14.35 5.66 -22.08
C ASN B 190 15.12 6.08 -23.32
N GLY B 191 14.47 6.02 -24.49
CA GLY B 191 15.03 6.46 -25.77
C GLY B 191 16.20 5.61 -26.24
N GLY B 192 16.45 4.46 -25.63
CA GLY B 192 17.62 3.62 -25.95
C GLY B 192 18.69 3.63 -24.87
N LYS B 193 18.51 4.40 -23.80
CA LYS B 193 19.52 4.49 -22.72
C LYS B 193 19.52 3.22 -21.87
N VAL B 194 18.45 2.44 -21.94
CA VAL B 194 18.28 1.20 -21.13
C VAL B 194 17.85 0.09 -22.09
N LYS B 195 18.35 -1.10 -21.87
CA LYS B 195 17.87 -2.27 -22.59
C LYS B 195 17.55 -3.38 -21.60
N ILE B 196 16.54 -4.16 -21.94
CA ILE B 196 16.12 -5.35 -21.19
C ILE B 196 17.14 -6.44 -21.46
N LEU B 197 17.76 -7.03 -20.43
CA LEU B 197 18.64 -8.21 -20.62
C LEU B 197 17.79 -9.45 -20.87
N GLY B 198 16.84 -9.78 -20.03
CA GLY B 198 16.12 -11.05 -20.12
C GLY B 198 14.68 -10.97 -19.68
N ALA B 199 13.91 -12.00 -19.94
CA ALA B 199 12.51 -12.06 -19.54
C ALA B 199 12.09 -13.49 -19.23
N ILE B 200 11.29 -13.65 -18.19
CA ILE B 200 10.63 -14.92 -17.80
C ILE B 200 9.15 -14.83 -18.12
N LEU B 201 8.66 -15.80 -18.89
CA LEU B 201 7.23 -15.95 -19.21
C LEU B 201 6.77 -17.32 -18.70
N TYR B 202 6.13 -17.34 -17.53
CA TYR B 202 5.61 -18.58 -16.97
C TYR B 202 4.13 -18.75 -17.31
N TYR B 203 3.82 -19.87 -17.96
CA TYR B 203 2.42 -20.24 -18.29
C TYR B 203 1.80 -19.09 -19.08
N PRO B 204 2.42 -18.63 -20.20
CA PRO B 204 1.93 -17.43 -20.86
C PRO B 204 0.50 -17.61 -21.38
N TYR B 205 -0.29 -16.56 -21.25
CA TYR B 205 -1.67 -16.54 -21.77
C TYR B 205 -1.65 -16.12 -23.23
N PHE B 206 -1.79 -17.12 -24.10
CA PHE B 206 -1.90 -16.96 -25.57
C PHE B 206 -3.06 -17.82 -26.05
N LEU B 207 -3.68 -17.39 -27.14
CA LEU B 207 -4.73 -18.19 -27.81
C LEU B 207 -4.22 -18.47 -29.22
N ILE B 208 -3.93 -19.73 -29.48
CA ILE B 208 -3.42 -20.20 -30.79
C ILE B 208 -4.16 -21.51 -31.08
N ARG B 209 -4.68 -21.65 -32.30
CA ARG B 209 -5.41 -22.86 -32.70
C ARG B 209 -4.45 -24.06 -32.69
N THR B 210 -4.83 -25.11 -31.96
CA THR B 210 -4.10 -26.39 -31.94
C THR B 210 -4.82 -27.42 -32.82
N SER B 211 -4.14 -28.50 -33.12
CA SER B 211 -4.72 -29.65 -33.86
C SER B 211 -5.46 -30.57 -32.88
N SER B 212 -5.25 -30.37 -31.57
CA SER B 212 -5.79 -31.24 -30.49
C SER B 212 -7.17 -30.74 -30.03
N LYS B 213 -8.09 -31.67 -29.78
CA LYS B 213 -9.40 -31.42 -29.14
C LYS B 213 -9.11 -30.88 -27.74
N GLN B 214 -9.79 -29.81 -27.34
CA GLN B 214 -9.63 -29.24 -25.99
C GLN B 214 -10.90 -29.49 -25.18
N SER B 215 -10.73 -29.52 -23.86
CA SER B 215 -11.84 -29.59 -22.89
C SER B 215 -12.71 -28.35 -23.08
N ASP B 216 -13.93 -28.40 -22.58
CA ASP B 216 -14.81 -27.20 -22.53
C ASP B 216 -14.13 -26.10 -21.72
N TYR B 217 -13.48 -26.44 -20.60
CA TYR B 217 -12.80 -25.44 -19.76
C TYR B 217 -11.81 -24.66 -20.62
N MET B 218 -11.00 -25.38 -21.38
CA MET B 218 -9.92 -24.81 -22.20
CA MET B 218 -9.91 -24.76 -22.18
C MET B 218 -10.50 -24.06 -23.42
N GLU B 219 -11.58 -24.59 -24.00
CA GLU B 219 -12.17 -24.03 -25.24
C GLU B 219 -13.01 -22.79 -24.93
N ASN B 220 -13.60 -22.75 -23.74
CA ASN B 220 -14.56 -21.68 -23.37
C ASN B 220 -13.94 -20.80 -22.28
N GLU B 221 -13.95 -21.28 -21.04
CA GLU B 221 -13.54 -20.50 -19.84
C GLU B 221 -12.15 -19.89 -20.05
N TYR B 222 -11.17 -20.72 -20.40
CA TYR B 222 -9.77 -20.22 -20.56
C TYR B 222 -9.71 -19.10 -21.59
N ARG B 223 -10.43 -19.26 -22.70
CA ARG B 223 -10.48 -18.24 -23.79
C ARG B 223 -11.27 -16.99 -23.37
N SER B 224 -12.22 -17.11 -22.45
N SER B 224 -12.20 -17.12 -22.42
CA SER B 224 -13.20 -16.03 -22.15
CA SER B 224 -13.20 -16.09 -22.08
C SER B 224 -12.50 -14.80 -21.56
C SER B 224 -12.53 -14.84 -21.51
N TYR B 225 -11.34 -14.97 -20.91
CA TYR B 225 -10.64 -13.81 -20.30
C TYR B 225 -10.28 -12.79 -21.37
N TRP B 226 -9.96 -13.20 -22.60
CA TRP B 226 -9.54 -12.24 -23.64
C TRP B 226 -10.73 -11.34 -23.99
N LYS B 227 -11.91 -11.92 -24.25
CA LYS B 227 -13.10 -11.12 -24.60
C LYS B 227 -13.51 -10.22 -23.42
N LEU B 228 -13.37 -10.69 -22.21
CA LEU B 228 -13.68 -9.86 -21.01
C LEU B 228 -12.74 -8.66 -20.98
N ALA B 229 -11.45 -8.89 -21.22
CA ALA B 229 -10.43 -7.84 -21.06
C ALA B 229 -10.41 -6.87 -22.23
N TYR B 230 -10.66 -7.36 -23.46
CA TYR B 230 -10.46 -6.58 -24.69
C TYR B 230 -11.60 -6.90 -25.64
N PRO B 231 -12.85 -6.54 -25.31
CA PRO B 231 -13.99 -6.93 -26.14
C PRO B 231 -13.96 -6.36 -27.56
N ASP B 232 -13.24 -5.25 -27.75
N ASP B 232 -13.28 -5.23 -27.78
CA ASP B 232 -13.21 -4.56 -29.07
CA ASP B 232 -13.24 -4.61 -29.12
C ASP B 232 -11.93 -4.91 -29.84
C ASP B 232 -11.89 -4.85 -29.79
N ALA B 233 -11.15 -5.88 -29.37
CA ALA B 233 -9.86 -6.23 -30.00
C ALA B 233 -10.07 -6.50 -31.49
N PRO B 234 -9.39 -5.80 -32.41
CA PRO B 234 -9.44 -6.16 -33.82
C PRO B 234 -9.01 -7.61 -34.02
N GLY B 235 -9.83 -8.41 -34.70
CA GLY B 235 -9.53 -9.83 -34.93
C GLY B 235 -9.96 -10.75 -33.81
N GLY B 236 -10.52 -10.22 -32.72
CA GLY B 236 -11.02 -11.06 -31.62
C GLY B 236 -9.90 -11.92 -31.00
N ASN B 237 -10.13 -13.23 -30.93
CA ASN B 237 -9.15 -14.18 -30.35
C ASN B 237 -7.93 -14.35 -31.26
N ASP B 238 -7.96 -13.77 -32.47
CA ASP B 238 -6.77 -13.78 -33.36
C ASP B 238 -6.06 -12.44 -33.37
N ASN B 239 -6.43 -11.51 -32.48
CA ASN B 239 -5.68 -10.25 -32.35
C ASN B 239 -4.22 -10.61 -32.08
N PRO B 240 -3.23 -9.93 -32.68
CA PRO B 240 -1.84 -10.29 -32.48
C PRO B 240 -1.34 -10.21 -31.02
N MET B 241 -2.02 -9.45 -30.16
CA MET B 241 -1.55 -9.28 -28.77
CA MET B 241 -1.60 -9.26 -28.75
C MET B 241 -1.96 -10.50 -27.94
N ILE B 242 -2.84 -11.35 -28.46
CA ILE B 242 -3.25 -12.61 -27.80
C ILE B 242 -2.78 -13.83 -28.61
N ASN B 243 -2.73 -13.73 -29.94
CA ASN B 243 -2.24 -14.80 -30.83
C ASN B 243 -0.96 -14.30 -31.47
N PRO B 244 0.22 -14.60 -30.88
CA PRO B 244 1.47 -14.04 -31.39
C PRO B 244 1.89 -14.64 -32.74
N THR B 245 1.14 -15.62 -33.23
CA THR B 245 1.41 -16.30 -34.51
C THR B 245 0.37 -15.89 -35.55
N ALA B 246 -0.47 -14.91 -35.28
CA ALA B 246 -1.47 -14.44 -36.26
C ALA B 246 -0.75 -13.92 -37.52
N GLU B 247 -1.44 -13.98 -38.65
CA GLU B 247 -0.87 -13.54 -39.93
C GLU B 247 -0.34 -12.11 -39.80
N ASN B 248 -1.07 -11.22 -39.12
CA ASN B 248 -0.62 -9.80 -39.11
C ASN B 248 0.32 -9.53 -37.92
N ALA B 249 0.87 -10.55 -37.26
CA ALA B 249 1.51 -10.34 -35.95
C ALA B 249 2.92 -9.78 -36.11
N PRO B 250 3.36 -8.92 -35.18
CA PRO B 250 4.73 -8.42 -35.20
C PRO B 250 5.75 -9.58 -35.11
N ASP B 251 6.87 -9.35 -35.75
CA ASP B 251 7.98 -10.34 -35.85
C ASP B 251 8.54 -10.59 -34.44
N LEU B 252 8.55 -11.85 -34.00
CA LEU B 252 9.10 -12.18 -32.66
C LEU B 252 10.60 -11.91 -32.63
N ALA B 253 11.26 -11.89 -33.77
CA ALA B 253 12.71 -11.55 -33.85
C ALA B 253 12.96 -10.13 -33.35
N GLY B 254 11.92 -9.30 -33.31
CA GLY B 254 12.02 -7.93 -32.79
C GLY B 254 11.97 -7.81 -31.28
N TYR B 255 11.80 -8.89 -30.53
CA TYR B 255 11.83 -8.78 -29.06
C TYR B 255 13.06 -7.99 -28.63
N GLY B 256 12.85 -7.01 -27.73
CA GLY B 256 13.93 -6.15 -27.24
C GLY B 256 14.64 -6.72 -26.03
N CYS B 257 15.04 -7.98 -26.08
CA CYS B 257 15.88 -8.58 -25.04
C CYS B 257 16.80 -9.61 -25.66
N SER B 258 17.73 -10.16 -24.85
CA SER B 258 18.71 -11.12 -25.42
CA SER B 258 18.82 -11.06 -25.29
C SER B 258 18.67 -12.48 -24.72
N ARG B 259 17.81 -12.66 -23.71
CA ARG B 259 17.67 -13.94 -23.01
C ARG B 259 16.19 -14.13 -22.69
N LEU B 260 15.69 -15.34 -22.79
CA LEU B 260 14.27 -15.67 -22.52
C LEU B 260 14.23 -16.98 -21.78
N LEU B 261 13.32 -17.05 -20.80
CA LEU B 261 12.94 -18.33 -20.17
C LEU B 261 11.44 -18.47 -20.35
N ILE B 262 11.04 -19.47 -21.14
CA ILE B 262 9.61 -19.79 -21.35
C ILE B 262 9.34 -21.04 -20.53
N SER B 263 8.30 -20.99 -19.72
CA SER B 263 7.99 -22.09 -18.80
C SER B 263 6.53 -22.51 -18.97
N MET B 264 6.29 -23.83 -18.99
N MET B 264 6.29 -23.81 -18.89
CA MET B 264 4.95 -24.45 -19.15
CA MET B 264 4.93 -24.36 -19.01
C MET B 264 4.84 -25.62 -18.18
C MET B 264 4.83 -25.58 -18.11
N VAL B 265 3.61 -26.09 -18.00
CA VAL B 265 3.29 -27.21 -17.11
C VAL B 265 2.52 -28.25 -17.91
N ALA B 266 2.23 -29.35 -17.26
CA ALA B 266 1.63 -30.54 -17.88
C ALA B 266 0.12 -30.40 -17.93
N ASP B 267 -0.38 -29.54 -18.81
CA ASP B 267 -1.84 -29.37 -19.00
C ASP B 267 -2.12 -28.98 -20.45
N GLU B 268 -3.37 -28.67 -20.79
N GLU B 268 -3.38 -28.69 -20.79
CA GLU B 268 -3.77 -28.47 -22.20
CA GLU B 268 -3.78 -28.45 -22.20
C GLU B 268 -3.21 -27.16 -22.77
C GLU B 268 -3.08 -27.22 -22.76
N ALA B 269 -2.78 -26.21 -21.94
CA ALA B 269 -2.16 -24.97 -22.44
C ALA B 269 -0.77 -25.26 -23.01
N ARG B 270 -0.14 -26.37 -22.61
CA ARG B 270 1.23 -26.68 -23.09
C ARG B 270 1.27 -26.68 -24.62
N ASP B 271 0.26 -27.23 -25.27
CA ASP B 271 0.25 -27.31 -26.75
C ASP B 271 0.30 -25.90 -27.34
N ILE B 272 -0.39 -24.96 -26.71
CA ILE B 272 -0.37 -23.57 -27.20
C ILE B 272 1.01 -22.98 -27.01
N THR B 273 1.58 -23.15 -25.81
CA THR B 273 2.93 -22.60 -25.54
C THR B 273 3.96 -23.21 -26.51
N LEU B 274 3.82 -24.49 -26.82
CA LEU B 274 4.75 -25.10 -27.82
C LEU B 274 4.63 -24.42 -29.19
N LEU B 275 3.43 -24.05 -29.63
CA LEU B 275 3.27 -23.35 -30.91
C LEU B 275 3.94 -21.98 -30.83
N TYR B 276 3.81 -21.29 -29.70
CA TYR B 276 4.52 -20.02 -29.48
C TYR B 276 6.03 -20.22 -29.58
N ILE B 277 6.57 -21.21 -28.86
CA ILE B 277 8.02 -21.45 -28.87
C ILE B 277 8.46 -21.76 -30.32
N ASP B 278 7.67 -22.56 -31.03
CA ASP B 278 8.01 -22.90 -32.43
C ASP B 278 8.12 -21.61 -33.25
N ALA B 279 7.18 -20.69 -33.09
CA ALA B 279 7.19 -19.41 -33.83
C ALA B 279 8.40 -18.58 -33.43
N LEU B 280 8.72 -18.56 -32.13
CA LEU B 280 9.90 -17.81 -31.69
C LEU B 280 11.17 -18.37 -32.31
N GLU B 281 11.29 -19.68 -32.33
CA GLU B 281 12.48 -20.31 -32.94
C GLU B 281 12.51 -20.08 -34.47
N LYS B 282 11.37 -20.18 -35.13
CA LYS B 282 11.34 -20.00 -36.60
C LYS B 282 11.68 -18.55 -36.93
N SER B 283 11.34 -17.60 -36.07
CA SER B 283 11.53 -16.16 -36.32
C SER B 283 13.00 -15.82 -36.54
N GLY B 284 13.90 -16.60 -35.94
CA GLY B 284 15.33 -16.29 -35.97
C GLY B 284 15.79 -15.35 -34.88
N TRP B 285 14.93 -15.00 -33.92
CA TRP B 285 15.33 -14.16 -32.75
C TRP B 285 16.69 -14.62 -32.24
N LYS B 286 17.55 -13.62 -32.06
N LYS B 286 17.70 -13.77 -32.08
CA LYS B 286 18.96 -13.75 -31.62
CA LYS B 286 19.10 -14.27 -32.02
C LYS B 286 19.06 -13.58 -30.11
C LYS B 286 19.58 -14.70 -30.62
N GLY B 287 19.44 -14.67 -29.48
N GLY B 287 18.76 -14.65 -29.57
CA GLY B 287 19.57 -14.68 -28.03
CA GLY B 287 19.24 -14.69 -28.17
C GLY B 287 19.42 -16.08 -27.50
C GLY B 287 19.26 -16.08 -27.52
N GLU B 288 19.49 -16.14 -26.20
CA GLU B 288 19.47 -17.37 -25.42
C GLU B 288 18.02 -17.68 -25.11
N LEU B 289 17.53 -18.84 -25.54
CA LEU B 289 16.15 -19.28 -25.27
CA LEU B 289 16.15 -19.29 -25.29
C LEU B 289 16.21 -20.54 -24.42
N ASP B 290 15.77 -20.38 -23.19
CA ASP B 290 15.71 -21.47 -22.20
C ASP B 290 14.25 -21.84 -22.01
N VAL B 291 14.00 -23.10 -21.72
CA VAL B 291 12.64 -23.65 -21.50
C VAL B 291 12.67 -24.41 -20.17
N ALA B 292 11.68 -24.14 -19.35
CA ALA B 292 11.43 -24.90 -18.12
C ALA B 292 10.06 -25.58 -18.24
N ASP B 293 10.09 -26.84 -18.63
CA ASP B 293 8.91 -27.66 -18.98
C ASP B 293 8.64 -28.57 -17.79
N PHE B 294 7.77 -28.15 -16.90
CA PHE B 294 7.53 -28.81 -15.61
C PHE B 294 6.51 -29.93 -15.74
N ASP B 295 6.77 -31.04 -15.06
CA ASP B 295 5.78 -32.13 -14.89
C ASP B 295 4.94 -31.84 -13.65
N LYS B 296 4.32 -30.66 -13.63
CA LYS B 296 3.54 -30.12 -12.49
C LYS B 296 2.32 -29.40 -13.06
N GLN B 297 1.44 -28.92 -12.18
CA GLN B 297 0.30 -28.07 -12.56
C GLN B 297 0.63 -26.61 -12.26
N TYR B 298 -0.04 -25.70 -12.95
CA TYR B 298 0.21 -24.23 -12.86
C TYR B 298 0.26 -23.77 -11.40
N PHE B 299 -0.72 -24.19 -10.59
CA PHE B 299 -0.96 -23.65 -9.24
C PHE B 299 0.19 -24.00 -8.29
N GLU B 300 0.98 -25.03 -8.61
CA GLU B 300 1.97 -25.58 -7.66
C GLU B 300 3.13 -24.59 -7.44
N LEU B 301 3.35 -23.66 -8.37
CA LEU B 301 4.44 -22.65 -8.22
C LEU B 301 4.18 -21.73 -7.02
N PHE B 302 2.91 -21.45 -6.70
CA PHE B 302 2.52 -20.31 -5.83
C PHE B 302 2.23 -20.76 -4.40
N GLU B 303 2.32 -22.07 -4.13
CA GLU B 303 2.10 -22.63 -2.77
C GLU B 303 3.40 -22.54 -1.98
N MET B 304 3.70 -21.40 -1.37
CA MET B 304 5.10 -20.97 -1.08
C MET B 304 5.74 -21.63 0.15
N GLU B 305 5.08 -22.53 0.91
CA GLU B 305 5.79 -23.32 1.96
C GLU B 305 5.83 -24.81 1.60
N THR B 306 5.87 -25.16 0.32
CA THR B 306 5.97 -26.56 -0.18
C THR B 306 7.30 -26.77 -0.92
N GLU B 307 7.80 -28.00 -0.90
CA GLU B 307 9.06 -28.40 -1.59
C GLU B 307 8.89 -28.17 -3.09
N VAL B 308 7.73 -28.55 -3.63
CA VAL B 308 7.47 -28.45 -5.09
C VAL B 308 7.56 -26.97 -5.49
N ALA B 309 6.94 -26.07 -4.73
CA ALA B 309 6.94 -24.63 -5.07
C ALA B 309 8.37 -24.12 -4.99
N LYS B 310 9.08 -24.47 -3.93
CA LYS B 310 10.48 -24.02 -3.73
C LYS B 310 11.30 -24.43 -4.95
N ASN B 311 11.14 -25.68 -5.38
CA ASN B 311 11.96 -26.22 -6.50
C ASN B 311 11.56 -25.52 -7.80
N MET B 312 10.26 -25.29 -8.05
CA MET B 312 9.82 -24.65 -9.30
C MET B 312 10.34 -23.21 -9.31
N LEU B 313 10.19 -22.53 -8.18
CA LEU B 313 10.63 -21.11 -8.09
C LEU B 313 12.15 -21.04 -8.24
N ARG B 314 12.90 -21.94 -7.59
CA ARG B 314 14.38 -21.97 -7.71
C ARG B 314 14.76 -22.10 -9.18
N ARG B 315 14.07 -22.95 -9.92
CA ARG B 315 14.36 -23.18 -11.36
C ARG B 315 14.16 -21.85 -12.11
N LEU B 316 13.07 -21.13 -11.85
CA LEU B 316 12.85 -19.86 -12.56
C LEU B 316 13.85 -18.80 -12.10
N ALA B 317 14.02 -18.64 -10.78
CA ALA B 317 14.88 -17.58 -10.24
C ALA B 317 16.35 -17.75 -10.65
N SER B 318 16.81 -18.98 -10.93
CA SER B 318 18.20 -19.25 -11.38
C SER B 318 18.53 -18.52 -12.68
N PHE B 319 17.51 -18.13 -13.46
CA PHE B 319 17.71 -17.39 -14.72
C PHE B 319 18.16 -15.96 -14.43
N ILE B 320 17.81 -15.41 -13.27
CA ILE B 320 18.11 -14.00 -12.92
C ILE B 320 19.57 -13.93 -12.48
N LYS B 321 20.44 -13.54 -13.37
CA LYS B 321 21.89 -13.49 -13.13
C LYS B 321 22.39 -12.08 -13.43
C1 EDO C . -15.70 5.15 19.72
O1 EDO C . -16.22 6.31 19.04
C2 EDO C . -15.30 4.06 18.82
O2 EDO C . -14.35 4.46 17.82
C1 EDO D . -9.45 -4.78 8.13
O1 EDO D . -10.69 -4.42 7.54
C2 EDO D . -8.51 -3.64 8.22
O2 EDO D . -8.09 -3.14 6.96
C1 EDO E . -5.72 -2.57 5.08
O1 EDO E . -5.71 -3.97 5.32
C2 EDO E . -5.48 -2.05 3.69
O2 EDO E . -6.01 -2.81 2.61
C1 EDO F . 15.70 17.67 7.60
O1 EDO F . 17.05 18.12 7.66
C2 EDO F . 14.80 18.56 8.38
O2 EDO F . 15.19 18.76 9.72
C1 EDO G . -15.05 4.60 33.42
O1 EDO G . -15.11 3.60 34.43
C2 EDO G . -15.91 5.74 33.75
O2 EDO G . -17.26 5.42 34.11
C1 EDO H . 13.30 4.84 14.39
C1 EDO H . 13.28 5.27 14.58
O1 EDO H . 13.84 3.61 14.85
O1 EDO H . 13.79 5.54 13.30
C2 EDO H . 13.81 5.99 15.17
C2 EDO H . 14.05 5.99 15.63
O2 EDO H . 15.24 6.04 15.16
O2 EDO H . 15.44 6.00 15.34
C1 EDO I . -6.45 -17.76 -18.02
C1 EDO I . -5.51 -18.11 -17.43
O1 EDO I . -6.73 -18.41 -16.79
O1 EDO I . -4.16 -18.52 -17.27
C2 EDO I . -5.72 -16.49 -17.87
C2 EDO I . -5.71 -16.65 -17.39
O2 EDO I . -5.33 -16.22 -16.53
O2 EDO I . -5.05 -16.01 -16.29
C1 EDO J . -10.58 -3.52 -1.61
O1 EDO J . -10.13 -3.17 -0.29
C2 EDO J . -9.67 -4.43 -2.30
O2 EDO J . -10.09 -5.81 -2.26
C1 EDO K . 22.07 3.42 -11.74
O1 EDO K . 22.27 3.58 -13.13
C2 EDO K . 21.76 4.70 -11.03
O2 EDO K . 22.79 5.67 -11.24
C1 EDO L . -8.82 -7.16 -6.83
O1 EDO L . -9.67 -7.61 -5.76
C2 EDO L . -8.23 -5.82 -6.64
O2 EDO L . -7.31 -5.78 -5.55
C1 EDO M . 8.58 8.17 -16.43
C1 EDO M . 8.83 7.86 -16.63
O1 EDO M . 7.72 9.27 -16.75
O1 EDO M . 9.34 8.45 -15.44
C2 EDO M . 9.72 8.09 -17.35
C2 EDO M . 9.72 8.10 -17.78
O2 EDO M . 10.43 9.32 -17.48
O2 EDO M . 10.42 9.34 -17.70
#